data_5VL7
#
_entry.id   5VL7
#
_cell.length_a   92.283
_cell.length_b   142.523
_cell.length_c   253.983
_cell.angle_alpha   90.00
_cell.angle_beta   90.00
_cell.angle_gamma   90.00
#
_symmetry.space_group_name_H-M   'I 2 2 2'
#
loop_
_entity.id
_entity.type
_entity.pdbx_description
1 polymer 'Proprotein convertase subtilisin/kexin type 9'
2 polymer 'Proprotein convertase subtilisin/kexin type 9'
3 polymer 'Fab33 heavy chain'
4 polymer 'Fab33 light chain'
#
loop_
_entity_poly.entity_id
_entity_poly.type
_entity_poly.pdbx_seq_one_letter_code
_entity_poly.pdbx_strand_id
1 'polypeptide(L)'
;MGTVSSRRSWWPLPLLLLLLLLLGPAGARAQEDEDGDYEELVLALRSEEDGLAEAPEHGTTATFHRCAKDPWRLPGTYVV
VLKEETHLSQSERTARRLQAQAARRGYLTKILHVFHGLLPGFLVKMSGDLLELALKLPHVDYIEEDSSVFAQ
;
A
2 'polypeptide(L)'
;SIPWNLERITPPRYRADEYQPPDGGSLVEVYLLDTSIQSDHREIEGRVMVTDFENVPEEDGTRFHRQASKCDSHGTHLAG
VVSGRDAGVAKGASMRSLRVLNCQGKGTVSGTLIGLEFIRKSQLVQPVGPLVVLLPLAGGYSRVLNAACQRLARAGVVLV
TAAGNFRDDACLYSPASAPEVITVGATNAQDQPVTLGTLGTNFGRCVDLFAPGEDIIGASSDCSTCFVSQSGTSQAAAHV
AGIAAMMLSAEPELTLAELRQRLIHFSAKDVINEAWFPEDQRVLTPNLVAALPPSTHGAGWQLFCRTVWSAHSGPTRMAT
AIARCAPDEELLSCSSFSRSGKRRGERMEAQGGKLVCRAHNAFGGEGVYAIARCCLLPQANCSVHTAPPAEASMGTRVHC
HQQGHVLTGCSSHWEVEDLGTHKPPVLRPRGQPNQCVGHREASIHASCCHAPGLECKVKEHGIPAPQEQVTVACEEGWTL
TGCSALPGTSHVLGAYAVDNTCVVRSRDVSTTGSTSEEAVTAVAICCRSRHLAQASQELQHHHHHHHH
;
B
3 'polypeptide(L)'
;EVQLVESGGGLVQPGGSLRLSCAASGFTFSSTAIHWVRQAPGKGLEWVARISPANGNTNYADSVKGRFTISADTSKNTAY
LQMNSLRAEDTAVYYCARWIGSRELYIMDYWGQGTLVTVSSASTKGPSVFPLAPSSKSTSGGTAALGCLVKDYFPEPVTV
SWNSGALTSGVHTFPAVLQSSGLYSLSSVVTVPSSSLGTQTYICNVNHKPSNTKVDKKVEPKSCDKTH
;
H
4 'polypeptide(L)'
;DIQMTQSPSSLSASVGDRVTITCRASQDVSTAVAWYQQKPGKAPKLLIYSASFLYSGVPSRFSGSGSGTDFTLTISSLQP
EDFATYYCQQAYPALHTFGQGTKVEIKRTVAAPSVFIFPPSDEQLKSGTASVVCLLNNFYPREAKVQWKVDNALQSGNSQ
ESVTEQDSKDSTYSLSSTLTLSKADYEKHKVYACEVTHQGLSSPVTKSFNRGEC
;
L
#
# COMPACT_ATOMS: atom_id res chain seq x y z
N THR A 61 -15.22 -43.41 26.83
CA THR A 61 -16.02 -42.30 26.30
C THR A 61 -15.37 -40.95 26.61
N ALA A 62 -14.72 -40.84 27.79
CA ALA A 62 -14.01 -39.63 28.22
C ALA A 62 -12.55 -39.76 27.78
N THR A 63 -12.04 -38.75 27.07
CA THR A 63 -10.69 -38.80 26.54
C THR A 63 -9.78 -37.70 27.06
N PHE A 64 -8.52 -38.04 27.28
CA PHE A 64 -7.54 -37.04 27.69
C PHE A 64 -6.84 -36.60 26.41
N HIS A 65 -6.46 -35.32 26.36
CA HIS A 65 -5.79 -34.70 25.22
C HIS A 65 -4.67 -33.77 25.72
N ARG A 66 -3.53 -33.77 25.02
CA ARG A 66 -2.35 -32.94 25.33
C ARG A 66 -1.67 -32.55 24.02
N CYS A 67 -0.90 -31.44 24.02
CA CYS A 67 -0.19 -30.95 22.82
C CYS A 67 0.89 -31.94 22.36
N ALA A 68 0.89 -32.22 21.04
CA ALA A 68 1.83 -33.12 20.37
C ALA A 68 3.27 -32.67 20.53
N LYS A 69 3.48 -31.33 20.48
CA LYS A 69 4.78 -30.65 20.63
C LYS A 69 5.05 -30.56 22.12
N ASP A 70 5.93 -31.43 22.65
CA ASP A 70 6.23 -31.52 24.06
C ASP A 70 6.68 -30.21 24.76
N PRO A 71 7.55 -29.32 24.21
CA PRO A 71 7.91 -28.12 24.96
C PRO A 71 6.78 -27.10 25.11
N TRP A 72 5.73 -27.24 24.30
CA TRP A 72 4.56 -26.37 24.32
C TRP A 72 3.55 -26.74 25.38
N ARG A 73 3.67 -27.95 25.96
CA ARG A 73 2.77 -28.47 26.99
C ARG A 73 2.89 -27.67 28.29
N LEU A 74 1.76 -27.44 28.97
CA LEU A 74 1.73 -26.76 30.25
C LEU A 74 0.95 -27.68 31.19
N PRO A 75 1.56 -28.78 31.70
CA PRO A 75 0.82 -29.68 32.59
C PRO A 75 0.45 -29.04 33.93
N GLY A 76 -0.44 -29.68 34.66
CA GLY A 76 -0.88 -29.16 35.95
C GLY A 76 -2.07 -28.23 35.82
N THR A 77 -2.47 -27.95 34.56
CA THR A 77 -3.61 -27.11 34.14
C THR A 77 -4.37 -27.82 33.01
N TYR A 78 -5.69 -27.98 33.23
CA TYR A 78 -6.56 -28.75 32.34
C TYR A 78 -7.90 -28.09 32.07
N VAL A 79 -8.36 -28.14 30.81
CA VAL A 79 -9.68 -27.65 30.45
C VAL A 79 -10.56 -28.89 30.38
N VAL A 80 -11.59 -28.91 31.24
CA VAL A 80 -12.53 -30.03 31.32
C VAL A 80 -13.79 -29.66 30.56
N VAL A 81 -13.98 -30.33 29.40
CA VAL A 81 -15.12 -30.10 28.51
C VAL A 81 -16.13 -31.16 28.77
N LEU A 82 -17.36 -30.70 29.00
CA LEU A 82 -18.50 -31.55 29.26
C LEU A 82 -19.35 -31.69 27.99
N LYS A 83 -20.24 -32.68 27.96
CA LYS A 83 -21.11 -32.97 26.83
C LYS A 83 -22.05 -31.82 26.53
N GLU A 84 -22.25 -31.55 25.23
CA GLU A 84 -23.03 -30.48 24.62
C GLU A 84 -24.21 -29.92 25.44
N GLU A 85 -25.16 -30.76 25.87
CA GLU A 85 -26.35 -30.30 26.57
C GLU A 85 -26.14 -29.93 28.05
N THR A 86 -24.97 -30.22 28.65
CA THR A 86 -24.69 -29.90 30.06
C THR A 86 -24.88 -28.42 30.32
N HIS A 87 -25.73 -28.04 31.31
CA HIS A 87 -25.91 -26.61 31.62
C HIS A 87 -25.19 -26.22 32.91
N LEU A 88 -24.81 -24.92 33.01
CA LEU A 88 -24.04 -24.26 34.09
C LEU A 88 -24.26 -24.87 35.47
N SER A 89 -25.53 -25.07 35.86
CA SER A 89 -25.93 -25.64 37.14
C SER A 89 -25.18 -26.95 37.44
N GLN A 90 -24.92 -27.77 36.40
CA GLN A 90 -24.22 -29.06 36.45
C GLN A 90 -22.72 -28.91 36.36
N SER A 91 -22.22 -27.91 35.61
CA SER A 91 -20.77 -27.68 35.48
C SER A 91 -20.19 -27.39 36.87
N GLU A 92 -20.91 -26.59 37.66
CA GLU A 92 -20.56 -26.21 39.01
C GLU A 92 -20.64 -27.42 39.93
N ARG A 93 -21.61 -28.31 39.70
CA ARG A 93 -21.74 -29.56 40.46
C ARG A 93 -20.49 -30.38 40.16
N THR A 94 -20.17 -30.56 38.87
CA THR A 94 -19.03 -31.36 38.40
C THR A 94 -17.69 -30.79 38.93
N ALA A 95 -17.52 -29.46 38.93
CA ALA A 95 -16.29 -28.85 39.44
C ALA A 95 -16.15 -29.14 40.95
N ARG A 96 -17.25 -28.92 41.73
CA ARG A 96 -17.31 -29.20 43.16
C ARG A 96 -16.96 -30.67 43.37
N ARG A 97 -17.63 -31.58 42.62
CA ARG A 97 -17.43 -33.03 42.64
C ARG A 97 -15.95 -33.37 42.45
N LEU A 98 -15.28 -32.75 41.44
CA LEU A 98 -13.87 -32.96 41.15
C LEU A 98 -13.07 -32.51 42.34
N GLN A 99 -13.31 -31.26 42.79
CA GLN A 99 -12.62 -30.67 43.93
C GLN A 99 -12.71 -31.51 45.18
N ALA A 100 -13.92 -32.03 45.46
CA ALA A 100 -14.26 -32.86 46.60
C ALA A 100 -13.60 -34.23 46.53
N GLN A 101 -13.78 -34.96 45.40
CA GLN A 101 -13.19 -36.27 45.17
C GLN A 101 -11.67 -36.19 45.27
N ALA A 102 -11.09 -35.07 44.76
CA ALA A 102 -9.65 -34.78 44.78
C ALA A 102 -9.14 -34.46 46.19
N ALA A 103 -10.01 -33.90 47.05
CA ALA A 103 -9.69 -33.59 48.44
C ALA A 103 -9.47 -34.86 49.23
N ARG A 104 -10.26 -35.92 48.91
CA ARG A 104 -10.23 -37.25 49.54
C ARG A 104 -8.93 -37.98 49.29
N ARG A 105 -8.29 -37.72 48.12
CA ARG A 105 -7.00 -38.30 47.77
C ARG A 105 -5.84 -37.42 48.28
N GLY A 106 -6.17 -36.41 49.08
CA GLY A 106 -5.20 -35.50 49.70
C GLY A 106 -4.55 -34.51 48.76
N TYR A 107 -5.14 -34.31 47.56
CA TYR A 107 -4.67 -33.41 46.53
C TYR A 107 -5.39 -32.10 46.57
N LEU A 108 -4.63 -30.99 46.42
CA LEU A 108 -5.16 -29.64 46.36
C LEU A 108 -5.65 -29.30 44.95
N THR A 109 -6.78 -28.61 44.87
CA THR A 109 -7.44 -28.26 43.61
C THR A 109 -7.91 -26.82 43.58
N LYS A 110 -7.77 -26.16 42.43
CA LYS A 110 -8.18 -24.76 42.26
C LYS A 110 -8.92 -24.57 40.94
N ILE A 111 -10.25 -24.37 41.02
CA ILE A 111 -11.03 -24.16 39.79
C ILE A 111 -10.83 -22.72 39.40
N LEU A 112 -10.17 -22.54 38.26
CA LEU A 112 -9.83 -21.23 37.73
C LEU A 112 -11.02 -20.57 37.10
N HIS A 113 -11.66 -21.23 36.12
CA HIS A 113 -12.75 -20.64 35.36
C HIS A 113 -13.86 -21.61 35.06
N VAL A 114 -15.11 -21.14 35.08
CA VAL A 114 -16.26 -21.97 34.72
C VAL A 114 -16.86 -21.43 33.43
N PHE A 115 -16.75 -22.24 32.39
CA PHE A 115 -17.24 -21.94 31.05
C PHE A 115 -18.75 -22.06 30.91
N HIS A 116 -19.30 -21.25 29.98
CA HIS A 116 -20.69 -21.21 29.54
C HIS A 116 -20.84 -20.26 28.40
N GLY A 117 -21.91 -20.42 27.64
CA GLY A 117 -22.19 -19.57 26.48
C GLY A 117 -21.51 -20.06 25.23
N LEU A 118 -20.23 -20.48 25.35
CA LEU A 118 -19.44 -21.00 24.26
C LEU A 118 -19.19 -22.48 24.44
N LEU A 119 -18.78 -22.92 25.64
CA LEU A 119 -18.56 -24.34 25.87
C LEU A 119 -19.05 -24.76 27.23
N PRO A 120 -19.47 -26.03 27.42
CA PRO A 120 -19.88 -26.44 28.77
C PRO A 120 -18.67 -27.01 29.54
N GLY A 121 -18.27 -26.35 30.62
CA GLY A 121 -17.14 -26.86 31.37
C GLY A 121 -16.42 -25.92 32.29
N PHE A 122 -15.17 -26.27 32.60
CA PHE A 122 -14.34 -25.51 33.52
C PHE A 122 -12.83 -25.71 33.28
N LEU A 123 -12.06 -24.74 33.74
CA LEU A 123 -10.61 -24.71 33.71
C LEU A 123 -10.14 -24.96 35.14
N VAL A 124 -9.31 -26.01 35.33
CA VAL A 124 -8.83 -26.44 36.63
C VAL A 124 -7.29 -26.55 36.69
N LYS A 125 -6.73 -26.00 37.78
CA LYS A 125 -5.31 -26.09 38.09
C LYS A 125 -5.25 -27.20 39.12
N MET A 126 -4.72 -28.36 38.73
CA MET A 126 -4.67 -29.54 39.59
C MET A 126 -3.54 -30.49 39.20
N SER A 127 -3.20 -31.45 40.08
CA SER A 127 -2.15 -32.42 39.75
C SER A 127 -2.56 -33.31 38.61
N GLY A 128 -1.57 -33.74 37.83
CA GLY A 128 -1.77 -34.65 36.72
C GLY A 128 -2.17 -36.03 37.21
N ASP A 129 -1.97 -36.29 38.53
CA ASP A 129 -2.28 -37.53 39.24
C ASP A 129 -3.81 -37.75 39.40
N LEU A 130 -4.59 -36.67 39.19
CA LEU A 130 -6.05 -36.64 39.34
C LEU A 130 -6.86 -36.86 38.05
N LEU A 131 -6.20 -37.07 36.90
CA LEU A 131 -6.87 -37.25 35.61
C LEU A 131 -7.71 -38.52 35.54
N GLU A 132 -7.28 -39.59 36.23
CA GLU A 132 -8.02 -40.85 36.26
C GLU A 132 -9.37 -40.60 36.90
N LEU A 133 -9.32 -39.93 38.06
CA LEU A 133 -10.46 -39.53 38.87
C LEU A 133 -11.38 -38.60 38.07
N ALA A 134 -10.77 -37.63 37.38
CA ALA A 134 -11.43 -36.58 36.62
C ALA A 134 -12.18 -37.06 35.38
N LEU A 135 -11.65 -38.02 34.62
CA LEU A 135 -12.36 -38.47 33.41
C LEU A 135 -13.58 -39.32 33.78
N LYS A 136 -13.50 -39.99 34.95
CA LYS A 136 -14.55 -40.81 35.53
C LYS A 136 -15.71 -39.98 36.09
N LEU A 137 -15.57 -38.65 36.17
CA LEU A 137 -16.62 -37.74 36.62
C LEU A 137 -17.79 -37.74 35.64
N PRO A 138 -19.03 -37.38 36.08
CA PRO A 138 -20.16 -37.34 35.13
C PRO A 138 -20.11 -36.14 34.20
N HIS A 139 -20.84 -36.24 33.06
CA HIS A 139 -20.99 -35.23 32.00
C HIS A 139 -19.72 -34.95 31.20
N VAL A 140 -18.54 -35.38 31.69
CA VAL A 140 -17.24 -35.17 31.03
C VAL A 140 -17.18 -35.80 29.64
N ASP A 141 -17.03 -34.94 28.60
CA ASP A 141 -16.91 -35.38 27.21
C ASP A 141 -15.46 -35.76 26.94
N TYR A 142 -14.52 -34.85 27.33
CA TYR A 142 -13.05 -34.96 27.21
C TYR A 142 -12.31 -33.89 28.02
N ILE A 143 -11.02 -34.14 28.32
CA ILE A 143 -10.15 -33.24 29.08
C ILE A 143 -8.89 -32.95 28.29
N GLU A 144 -8.59 -31.67 28.09
CA GLU A 144 -7.38 -31.29 27.39
C GLU A 144 -6.43 -30.57 28.35
N GLU A 145 -5.14 -30.93 28.30
CA GLU A 145 -4.07 -30.34 29.09
C GLU A 145 -3.62 -29.05 28.42
N ASP A 146 -3.86 -27.91 29.11
CA ASP A 146 -3.54 -26.55 28.68
C ASP A 146 -2.14 -26.46 28.07
N SER A 147 -2.00 -25.75 26.94
CA SER A 147 -0.71 -25.59 26.28
C SER A 147 -0.43 -24.12 25.88
N SER A 148 0.72 -23.88 25.24
CA SER A 148 1.13 -22.55 24.83
C SER A 148 0.79 -22.20 23.39
N VAL A 149 0.41 -20.93 23.20
CA VAL A 149 0.11 -20.29 21.92
C VAL A 149 1.06 -19.09 21.72
N PHE A 150 1.44 -18.82 20.47
CA PHE A 150 2.47 -17.84 20.17
C PHE A 150 2.12 -16.79 19.11
N ALA A 151 2.68 -15.58 19.26
CA ALA A 151 2.49 -14.49 18.31
C ALA A 151 3.16 -14.89 16.99
N GLN A 152 2.48 -14.66 15.86
CA GLN A 152 3.03 -15.10 14.57
C GLN A 152 3.55 -13.93 13.69
N LEU B 27 -18.97 0.22 11.36
CA LEU B 27 -20.10 -0.71 11.27
C LEU B 27 -19.64 -2.17 11.46
N VAL B 28 -18.48 -2.53 10.85
CA VAL B 28 -17.86 -3.86 10.94
C VAL B 28 -16.85 -3.81 12.05
N GLU B 29 -17.11 -4.54 13.14
CA GLU B 29 -16.17 -4.59 14.25
C GLU B 29 -15.22 -5.79 14.09
N VAL B 30 -13.91 -5.52 14.21
CA VAL B 30 -12.87 -6.53 14.06
C VAL B 30 -12.21 -6.80 15.38
N TYR B 31 -12.61 -7.91 16.01
CA TYR B 31 -12.07 -8.36 17.26
C TYR B 31 -10.65 -8.84 17.05
N LEU B 32 -9.73 -8.36 17.88
CA LEU B 32 -8.33 -8.74 17.83
C LEU B 32 -7.86 -9.37 19.16
N LEU B 33 -7.45 -10.63 19.11
CA LEU B 33 -6.92 -11.30 20.30
C LEU B 33 -5.41 -11.46 20.07
N ASP B 34 -4.62 -10.60 20.72
CA ASP B 34 -3.17 -10.64 20.54
C ASP B 34 -2.46 -10.15 21.81
N THR B 35 -1.37 -9.39 21.63
CA THR B 35 -0.60 -8.74 22.69
C THR B 35 -1.40 -7.48 23.03
N SER B 36 -0.86 -6.61 23.89
CA SER B 36 -1.51 -5.34 24.20
C SER B 36 -1.31 -4.43 22.97
N ILE B 37 -2.02 -3.30 22.90
CA ILE B 37 -1.84 -2.42 21.74
C ILE B 37 -1.56 -1.02 22.19
N GLN B 38 -0.79 -0.26 21.39
CA GLN B 38 -0.51 1.16 21.70
C GLN B 38 -1.68 1.90 21.11
N SER B 39 -2.76 1.99 21.89
CA SER B 39 -4.04 2.57 21.54
C SER B 39 -3.94 3.97 20.98
N ASP B 40 -3.04 4.80 21.59
CA ASP B 40 -2.75 6.18 21.24
C ASP B 40 -2.35 6.31 19.82
N HIS B 41 -1.43 5.42 19.33
CA HIS B 41 -0.85 5.45 18.00
C HIS B 41 -1.75 6.14 17.01
N ARG B 42 -1.26 7.30 16.51
CA ARG B 42 -1.93 8.25 15.63
C ARG B 42 -2.46 7.63 14.35
N GLU B 43 -1.96 6.45 13.97
CA GLU B 43 -2.42 5.75 12.77
C GLU B 43 -3.67 4.90 12.99
N ILE B 44 -3.91 4.48 14.22
CA ILE B 44 -5.07 3.68 14.61
C ILE B 44 -5.74 4.35 15.81
N GLU B 45 -5.69 5.67 15.87
CA GLU B 45 -6.27 6.36 17.01
C GLU B 45 -7.77 6.53 16.86
N GLY B 46 -8.51 6.09 17.87
CA GLY B 46 -9.97 6.18 17.86
C GLY B 46 -10.62 5.11 16.99
N ARG B 47 -9.80 4.39 16.21
CA ARG B 47 -10.22 3.28 15.37
C ARG B 47 -10.36 2.07 16.31
N VAL B 48 -9.34 1.85 17.15
CA VAL B 48 -9.27 0.71 18.05
C VAL B 48 -9.76 1.06 19.45
N MET B 49 -10.46 0.11 20.06
CA MET B 49 -11.00 0.18 21.40
C MET B 49 -10.36 -0.95 22.21
N VAL B 50 -9.87 -0.63 23.40
CA VAL B 50 -9.20 -1.61 24.24
C VAL B 50 -10.17 -2.17 25.27
N THR B 51 -10.51 -3.46 25.16
CA THR B 51 -11.43 -4.13 26.08
C THR B 51 -10.73 -4.59 27.33
N ASP B 52 -11.48 -4.61 28.43
CA ASP B 52 -11.05 -5.00 29.77
C ASP B 52 -10.74 -6.51 29.92
N PHE B 53 -10.38 -7.20 28.81
CA PHE B 53 -10.00 -8.60 28.85
C PHE B 53 -8.48 -8.77 28.76
N GLU B 54 -7.91 -9.50 29.74
CA GLU B 54 -6.49 -9.85 29.85
C GLU B 54 -6.38 -11.22 30.53
N ASN B 55 -5.66 -12.16 29.89
CA ASN B 55 -5.46 -13.53 30.38
C ASN B 55 -4.12 -14.07 29.80
N VAL B 56 -3.01 -13.46 30.25
CA VAL B 56 -1.70 -13.80 29.71
C VAL B 56 -0.77 -14.52 30.73
N PRO B 57 0.00 -15.57 30.32
CA PRO B 57 0.91 -16.25 31.25
C PRO B 57 2.10 -15.39 31.64
N GLU B 58 2.56 -15.45 32.90
CA GLU B 58 3.65 -14.63 33.46
C GLU B 58 4.90 -14.62 32.58
N GLU B 59 5.52 -13.42 32.47
CA GLU B 59 6.70 -13.12 31.64
C GLU B 59 8.01 -13.75 32.11
N ALA B 68 8.75 -2.41 27.82
CA ALA B 68 7.33 -2.12 28.03
C ALA B 68 6.59 -1.80 26.73
N SER B 69 7.29 -1.15 25.78
CA SER B 69 6.77 -0.77 24.45
C SER B 69 6.62 -2.03 23.62
N LYS B 70 7.60 -2.97 23.77
CA LYS B 70 7.66 -4.27 23.11
C LYS B 70 6.42 -5.12 23.43
N CYS B 71 5.70 -4.78 24.52
CA CYS B 71 4.49 -5.48 24.88
C CYS B 71 3.37 -5.10 23.94
N ASP B 72 3.40 -3.87 23.38
CA ASP B 72 2.41 -3.37 22.43
C ASP B 72 2.80 -3.70 20.99
N SER B 73 4.11 -3.81 20.73
CA SER B 73 4.76 -4.07 19.45
C SER B 73 3.94 -4.84 18.40
N HIS B 74 3.82 -6.19 18.53
CA HIS B 74 3.12 -7.11 17.60
C HIS B 74 1.67 -6.67 17.31
N GLY B 75 0.90 -6.48 18.39
CA GLY B 75 -0.50 -6.06 18.35
C GLY B 75 -0.73 -4.78 17.60
N THR B 76 -0.01 -3.71 17.99
CA THR B 76 -0.10 -2.36 17.37
C THR B 76 0.11 -2.46 15.87
N HIS B 77 1.22 -3.10 15.45
CA HIS B 77 1.56 -3.32 14.05
C HIS B 77 0.41 -4.01 13.29
N LEU B 78 -0.18 -5.05 13.89
CA LEU B 78 -1.30 -5.74 13.26
C LEU B 78 -2.54 -4.85 13.16
N ALA B 79 -2.87 -4.12 14.25
CA ALA B 79 -3.99 -3.19 14.27
C ALA B 79 -3.84 -2.15 13.15
N GLY B 80 -2.58 -1.75 12.93
CA GLY B 80 -2.17 -0.84 11.86
C GLY B 80 -2.40 -1.46 10.50
N VAL B 81 -1.99 -2.73 10.36
CA VAL B 81 -2.18 -3.48 9.12
C VAL B 81 -3.66 -3.55 8.78
N VAL B 82 -4.52 -3.80 9.79
CA VAL B 82 -5.96 -3.89 9.56
C VAL B 82 -6.64 -2.52 9.36
N SER B 83 -6.69 -1.68 10.41
CA SER B 83 -7.42 -0.41 10.39
C SER B 83 -6.57 0.86 10.27
N GLY B 84 -5.31 0.73 9.85
CA GLY B 84 -4.40 1.86 9.71
C GLY B 84 -4.90 3.00 8.85
N ARG B 85 -4.61 4.24 9.25
CA ARG B 85 -5.02 5.44 8.54
C ARG B 85 -4.29 5.64 7.25
N ASP B 86 -3.03 5.21 7.18
CA ASP B 86 -2.18 5.38 6.01
C ASP B 86 -1.87 4.07 5.30
N ALA B 87 -1.57 3.03 6.09
CA ALA B 87 -1.15 1.70 5.65
C ALA B 87 -2.21 0.61 5.76
N GLY B 88 -3.33 0.90 6.42
CA GLY B 88 -4.40 -0.07 6.67
C GLY B 88 -5.11 -0.57 5.42
N VAL B 89 -5.56 -1.86 5.45
CA VAL B 89 -6.28 -2.50 4.34
C VAL B 89 -7.72 -1.91 4.33
N ALA B 90 -8.44 -2.12 5.44
CA ALA B 90 -9.76 -1.58 5.72
C ALA B 90 -9.47 -0.35 6.59
N LYS B 91 -9.14 0.75 5.90
CA LYS B 91 -8.68 2.01 6.47
C LYS B 91 -9.59 2.58 7.56
N GLY B 92 -10.90 2.47 7.39
CA GLY B 92 -11.85 3.00 8.37
C GLY B 92 -12.23 2.10 9.52
N ALA B 93 -12.22 0.75 9.31
CA ALA B 93 -12.62 -0.33 10.22
C ALA B 93 -12.42 -0.07 11.72
N SER B 94 -13.45 -0.41 12.51
CA SER B 94 -13.49 -0.29 13.96
C SER B 94 -12.96 -1.59 14.54
N MET B 95 -12.06 -1.50 15.49
CA MET B 95 -11.44 -2.67 16.10
C MET B 95 -11.67 -2.72 17.59
N ARG B 96 -11.50 -3.91 18.20
CA ARG B 96 -11.63 -4.17 19.64
C ARG B 96 -10.51 -5.14 20.04
N SER B 97 -9.64 -4.77 21.00
CA SER B 97 -8.55 -5.68 21.34
C SER B 97 -8.61 -6.35 22.72
N LEU B 98 -8.31 -7.66 22.72
CA LEU B 98 -8.26 -8.54 23.90
C LEU B 98 -6.83 -9.07 24.03
N ARG B 99 -6.24 -8.94 25.24
CA ARG B 99 -4.87 -9.40 25.45
C ARG B 99 -4.85 -10.86 25.84
N VAL B 100 -4.29 -11.70 24.96
CA VAL B 100 -4.18 -13.13 25.17
C VAL B 100 -2.72 -13.57 25.16
N LEU B 101 -1.83 -12.73 24.56
CA LEU B 101 -0.39 -12.96 24.53
C LEU B 101 0.28 -11.98 25.49
N ASN B 102 1.36 -12.42 26.19
CA ASN B 102 2.09 -11.61 27.17
C ASN B 102 3.03 -10.55 26.50
N CYS B 103 4.31 -10.45 26.95
CA CYS B 103 5.28 -9.51 26.39
C CYS B 103 6.25 -10.16 25.44
N GLN B 104 6.31 -11.49 25.45
CA GLN B 104 7.12 -12.25 24.50
C GLN B 104 6.17 -12.91 23.50
N GLY B 105 4.93 -12.43 23.47
CA GLY B 105 3.88 -12.93 22.60
C GLY B 105 3.56 -14.38 22.87
N LYS B 106 3.55 -14.75 24.16
CA LYS B 106 3.24 -16.10 24.61
C LYS B 106 1.93 -16.05 25.36
N GLY B 107 1.01 -16.90 24.93
CA GLY B 107 -0.32 -17.06 25.52
C GLY B 107 -0.57 -18.49 25.93
N THR B 108 -1.84 -18.79 26.25
CA THR B 108 -2.32 -20.13 26.65
C THR B 108 -3.54 -20.51 25.83
N VAL B 109 -3.78 -21.82 25.67
CA VAL B 109 -4.98 -22.29 24.98
C VAL B 109 -6.20 -21.75 25.78
N SER B 110 -6.16 -21.92 27.12
CA SER B 110 -7.17 -21.48 28.07
C SER B 110 -7.41 -19.98 27.90
N GLY B 111 -6.35 -19.19 27.89
CA GLY B 111 -6.42 -17.74 27.71
C GLY B 111 -7.25 -17.37 26.51
N THR B 112 -6.83 -17.90 25.35
CA THR B 112 -7.49 -17.72 24.05
C THR B 112 -8.94 -18.18 24.14
N LEU B 113 -9.16 -19.37 24.69
CA LEU B 113 -10.49 -19.96 24.86
C LEU B 113 -11.42 -18.97 25.58
N ILE B 114 -11.02 -18.57 26.82
CA ILE B 114 -11.71 -17.63 27.69
C ILE B 114 -11.93 -16.33 26.91
N GLY B 115 -10.93 -15.96 26.10
CA GLY B 115 -10.92 -14.77 25.25
C GLY B 115 -12.05 -14.77 24.24
N LEU B 116 -12.17 -15.89 23.49
CA LEU B 116 -13.20 -16.10 22.49
C LEU B 116 -14.53 -16.14 23.18
N GLU B 117 -14.57 -16.71 24.41
CA GLU B 117 -15.78 -16.76 25.24
C GLU B 117 -16.17 -15.34 25.60
N PHE B 118 -15.20 -14.47 25.94
CA PHE B 118 -15.52 -13.08 26.24
C PHE B 118 -16.28 -12.48 25.07
N ILE B 119 -15.79 -12.71 23.83
CA ILE B 119 -16.44 -12.24 22.60
C ILE B 119 -17.86 -12.76 22.51
N ARG B 120 -18.09 -14.09 22.69
CA ARG B 120 -19.41 -14.72 22.66
C ARG B 120 -20.35 -14.10 23.69
N LYS B 121 -19.82 -13.79 24.88
CA LYS B 121 -20.56 -13.18 25.97
C LYS B 121 -20.92 -11.73 25.63
N SER B 122 -19.98 -10.98 25.01
CA SER B 122 -20.19 -9.60 24.58
C SER B 122 -21.16 -9.53 23.41
N GLN B 123 -21.18 -10.57 22.56
CA GLN B 123 -22.05 -10.73 21.39
C GLN B 123 -23.52 -10.93 21.84
N LEU B 124 -23.71 -11.36 23.11
CA LEU B 124 -25.03 -11.58 23.71
C LEU B 124 -25.54 -10.34 24.49
N VAL B 125 -24.61 -9.50 24.97
CA VAL B 125 -24.92 -8.28 25.72
C VAL B 125 -25.34 -7.16 24.76
N GLN B 126 -24.39 -6.51 24.07
CA GLN B 126 -24.69 -5.46 23.11
C GLN B 126 -24.33 -6.03 21.75
N PRO B 127 -25.25 -6.79 21.09
CA PRO B 127 -24.90 -7.41 19.79
C PRO B 127 -24.48 -6.41 18.69
N VAL B 128 -23.20 -6.53 18.32
CA VAL B 128 -22.50 -5.74 17.29
C VAL B 128 -22.84 -6.27 15.88
N GLY B 129 -22.61 -5.46 14.85
CA GLY B 129 -22.89 -5.76 13.46
C GLY B 129 -22.11 -6.93 12.87
N PRO B 130 -21.50 -6.79 11.67
CA PRO B 130 -20.73 -7.92 11.13
C PRO B 130 -19.48 -8.11 11.97
N LEU B 131 -19.24 -9.37 12.37
CA LEU B 131 -18.11 -9.66 13.22
C LEU B 131 -16.97 -10.46 12.58
N VAL B 132 -15.75 -9.92 12.72
CA VAL B 132 -14.53 -10.53 12.24
C VAL B 132 -13.66 -10.75 13.46
N VAL B 133 -13.22 -11.98 13.68
CA VAL B 133 -12.35 -12.31 14.80
C VAL B 133 -10.97 -12.67 14.27
N LEU B 134 -9.98 -11.85 14.67
CA LEU B 134 -8.58 -11.98 14.33
C LEU B 134 -7.75 -12.64 15.43
N LEU B 135 -7.27 -13.88 15.12
CA LEU B 135 -6.39 -14.69 15.96
C LEU B 135 -5.03 -14.79 15.25
N PRO B 136 -4.12 -13.81 15.45
CA PRO B 136 -2.83 -13.85 14.74
C PRO B 136 -1.82 -14.66 15.56
N LEU B 137 -2.23 -15.89 15.93
CA LEU B 137 -1.48 -16.78 16.80
C LEU B 137 -1.51 -18.24 16.42
N ALA B 138 -0.57 -19.00 17.00
CA ALA B 138 -0.46 -20.42 16.76
C ALA B 138 0.02 -21.20 17.98
N GLY B 139 -0.70 -22.27 18.25
CA GLY B 139 -0.34 -23.24 19.27
C GLY B 139 -0.32 -24.59 18.58
N GLY B 140 -0.18 -25.66 19.34
CA GLY B 140 -0.24 -27.01 18.75
C GLY B 140 -1.67 -27.33 18.42
N TYR B 141 -1.95 -28.52 17.92
CA TYR B 141 -3.36 -28.79 17.65
C TYR B 141 -4.16 -28.83 18.97
N SER B 142 -5.28 -28.10 19.00
CA SER B 142 -6.16 -28.08 20.17
C SER B 142 -7.57 -28.49 19.80
N ARG B 143 -8.03 -29.61 20.39
CA ARG B 143 -9.37 -30.14 20.21
C ARG B 143 -10.40 -29.11 20.68
N VAL B 144 -10.18 -28.55 21.89
CA VAL B 144 -11.04 -27.56 22.54
C VAL B 144 -11.06 -26.20 21.80
N LEU B 145 -9.91 -25.75 21.28
CA LEU B 145 -9.87 -24.46 20.59
C LEU B 145 -10.56 -24.52 19.24
N ASN B 146 -10.32 -25.58 18.46
CA ASN B 146 -10.99 -25.74 17.18
C ASN B 146 -12.49 -25.82 17.45
N ALA B 147 -12.88 -26.49 18.58
CA ALA B 147 -14.25 -26.62 19.05
C ALA B 147 -14.84 -25.22 19.36
N ALA B 148 -14.09 -24.45 20.15
CA ALA B 148 -14.45 -23.08 20.50
C ALA B 148 -14.68 -22.25 19.22
N CYS B 149 -13.73 -22.34 18.26
CA CYS B 149 -13.75 -21.63 16.98
C CYS B 149 -14.95 -21.97 16.14
N GLN B 150 -15.30 -23.26 16.03
CA GLN B 150 -16.45 -23.74 15.25
C GLN B 150 -17.76 -23.27 15.86
N ARG B 151 -17.92 -23.41 17.20
CA ARG B 151 -19.11 -23.00 17.95
C ARG B 151 -19.39 -21.50 17.75
N LEU B 152 -18.31 -20.70 17.72
CA LEU B 152 -18.29 -19.26 17.51
C LEU B 152 -18.52 -18.89 16.04
N ALA B 153 -17.95 -19.69 15.11
CA ALA B 153 -18.10 -19.49 13.67
C ALA B 153 -19.54 -19.76 13.24
N ARG B 154 -20.17 -20.83 13.80
CA ARG B 154 -21.56 -21.21 13.52
C ARG B 154 -22.52 -20.11 13.91
N ALA B 155 -22.12 -19.26 14.87
CA ALA B 155 -22.88 -18.08 15.28
C ALA B 155 -22.70 -16.95 14.26
N GLY B 156 -22.18 -17.30 13.06
CA GLY B 156 -21.93 -16.40 11.93
C GLY B 156 -20.81 -15.41 12.14
N VAL B 157 -19.69 -15.87 12.72
CA VAL B 157 -18.56 -14.99 12.98
C VAL B 157 -17.42 -15.33 12.03
N VAL B 158 -16.86 -14.31 11.38
CA VAL B 158 -15.76 -14.53 10.45
C VAL B 158 -14.41 -14.61 11.20
N LEU B 159 -13.89 -15.84 11.34
CA LEU B 159 -12.63 -16.08 12.02
C LEU B 159 -11.45 -16.16 11.06
N VAL B 160 -10.49 -15.25 11.23
CA VAL B 160 -9.31 -15.19 10.38
C VAL B 160 -8.10 -15.45 11.29
N THR B 161 -7.30 -16.45 10.89
CA THR B 161 -6.12 -16.84 11.67
C THR B 161 -4.87 -17.05 10.84
N ALA B 162 -3.70 -16.88 11.51
CA ALA B 162 -2.38 -17.16 10.96
C ALA B 162 -2.21 -18.69 10.83
N ALA B 163 -1.57 -19.14 9.73
CA ALA B 163 -1.26 -20.54 9.44
C ALA B 163 -0.09 -21.05 10.32
N GLY B 164 0.76 -20.14 10.79
CA GLY B 164 1.93 -20.48 11.60
C GLY B 164 3.20 -20.32 10.79
N ASN B 165 4.28 -19.93 11.48
CA ASN B 165 5.60 -19.66 10.89
C ASN B 165 6.60 -20.81 11.06
N PHE B 166 6.12 -22.05 11.08
CA PHE B 166 6.92 -23.25 11.32
C PHE B 166 7.28 -24.07 10.11
N ARG B 167 6.89 -23.62 8.90
CA ARG B 167 7.11 -24.31 7.62
C ARG B 167 6.70 -25.78 7.75
N ASP B 168 5.45 -25.98 8.14
CA ASP B 168 4.88 -27.30 8.43
C ASP B 168 3.42 -27.37 7.93
N ASP B 169 2.79 -28.56 8.00
CA ASP B 169 1.38 -28.72 7.67
C ASP B 169 0.61 -27.96 8.77
N ALA B 170 -0.20 -26.96 8.36
CA ALA B 170 -0.99 -26.13 9.26
C ALA B 170 -1.97 -26.95 10.10
N CYS B 171 -2.41 -28.09 9.57
CA CYS B 171 -3.35 -29.00 10.22
C CYS B 171 -2.88 -29.56 11.58
N LEU B 172 -1.62 -29.29 11.98
CA LEU B 172 -1.04 -29.76 13.25
C LEU B 172 -1.02 -28.65 14.29
N TYR B 173 -1.59 -27.49 13.94
CA TYR B 173 -1.61 -26.29 14.76
C TYR B 173 -2.99 -25.74 14.95
N SER B 174 -3.21 -24.99 16.02
CA SER B 174 -4.49 -24.35 16.23
C SER B 174 -4.32 -22.84 16.44
N PRO B 175 -5.28 -22.00 15.99
CA PRO B 175 -6.58 -22.34 15.36
C PRO B 175 -6.48 -22.67 13.86
N ALA B 176 -5.23 -22.81 13.35
CA ALA B 176 -4.85 -23.12 11.97
C ALA B 176 -5.63 -24.33 11.40
N SER B 177 -5.52 -25.51 12.07
CA SER B 177 -6.18 -26.78 11.72
C SER B 177 -7.69 -26.66 11.62
N ALA B 178 -8.30 -25.70 12.39
CA ALA B 178 -9.74 -25.47 12.37
C ALA B 178 -10.27 -25.26 10.92
N PRO B 179 -11.44 -25.86 10.63
CA PRO B 179 -11.95 -25.82 9.25
C PRO B 179 -12.88 -24.64 8.92
N GLU B 180 -13.70 -24.21 9.91
CA GLU B 180 -14.59 -23.08 9.69
C GLU B 180 -13.80 -21.76 9.77
N VAL B 181 -12.55 -21.83 10.28
CA VAL B 181 -11.67 -20.67 10.36
C VAL B 181 -10.91 -20.53 9.06
N ILE B 182 -10.84 -19.27 8.57
CA ILE B 182 -10.04 -18.89 7.40
C ILE B 182 -8.59 -18.85 7.90
N THR B 183 -7.79 -19.87 7.47
CA THR B 183 -6.37 -20.06 7.82
C THR B 183 -5.52 -19.38 6.75
N VAL B 184 -4.56 -18.54 7.16
CA VAL B 184 -3.81 -17.74 6.19
C VAL B 184 -2.28 -17.95 6.24
N GLY B 185 -1.73 -18.38 5.10
CA GLY B 185 -0.29 -18.50 4.91
C GLY B 185 0.31 -17.18 4.42
N ALA B 186 1.59 -16.94 4.74
CA ALA B 186 2.26 -15.69 4.35
C ALA B 186 3.12 -15.81 3.09
N THR B 187 3.03 -14.80 2.22
CA THR B 187 3.80 -14.73 0.96
C THR B 187 4.71 -13.49 0.96
N ASN B 188 5.88 -13.57 0.30
CA ASN B 188 6.82 -12.48 0.20
C ASN B 188 6.40 -11.43 -0.86
N ALA B 189 7.35 -10.54 -1.24
CA ALA B 189 7.17 -9.48 -2.23
C ALA B 189 6.95 -9.99 -3.66
N GLN B 190 7.43 -11.22 -3.96
CA GLN B 190 7.29 -11.90 -5.27
C GLN B 190 6.21 -12.98 -5.21
N ASP B 191 5.25 -12.81 -4.28
CA ASP B 191 4.11 -13.70 -4.06
C ASP B 191 4.53 -15.17 -3.80
N GLN B 192 5.80 -15.39 -3.43
CA GLN B 192 6.33 -16.71 -3.11
C GLN B 192 6.18 -16.94 -1.62
N PRO B 193 6.27 -18.17 -1.08
CA PRO B 193 6.07 -18.34 0.38
C PRO B 193 7.21 -17.80 1.22
N VAL B 194 6.86 -17.09 2.31
CA VAL B 194 7.83 -16.49 3.24
C VAL B 194 8.70 -17.56 3.89
N THR B 195 10.02 -17.34 3.86
CA THR B 195 11.02 -18.20 4.49
C THR B 195 11.56 -17.48 5.74
N LEU B 196 10.89 -17.69 6.89
CA LEU B 196 11.18 -17.08 8.19
C LEU B 196 12.32 -17.79 8.95
N GLY B 197 13.52 -17.27 8.78
CA GLY B 197 14.72 -17.84 9.38
C GLY B 197 15.08 -19.15 8.72
N THR B 198 15.09 -20.22 9.52
CA THR B 198 15.38 -21.58 9.08
C THR B 198 14.05 -22.27 8.70
N LEU B 199 12.93 -21.62 9.11
CA LEU B 199 11.58 -22.08 8.86
C LEU B 199 10.88 -21.23 7.78
N GLY B 200 9.62 -20.86 8.03
CA GLY B 200 8.83 -20.10 7.08
C GLY B 200 7.36 -20.36 7.21
N THR B 201 6.56 -19.99 6.19
CA THR B 201 5.10 -20.16 6.21
C THR B 201 4.63 -21.63 6.27
N ASN B 202 3.55 -21.88 7.03
CA ASN B 202 2.95 -23.20 7.08
C ASN B 202 2.11 -23.40 5.79
N PHE B 203 1.73 -24.65 5.48
CA PHE B 203 1.01 -25.03 4.26
C PHE B 203 0.02 -26.18 4.55
N GLY B 204 -0.42 -26.87 3.50
CA GLY B 204 -1.33 -27.99 3.65
C GLY B 204 -2.76 -27.68 3.28
N ARG B 205 -3.62 -28.68 3.39
CA ARG B 205 -5.04 -28.56 3.07
C ARG B 205 -5.82 -27.69 4.06
N CYS B 206 -5.16 -27.25 5.17
CA CYS B 206 -5.82 -26.43 6.17
C CYS B 206 -5.70 -24.96 5.88
N VAL B 207 -4.66 -24.57 5.11
CA VAL B 207 -4.44 -23.20 4.68
C VAL B 207 -5.52 -22.88 3.68
N ASP B 208 -6.35 -21.87 4.01
CA ASP B 208 -7.45 -21.43 3.16
C ASP B 208 -6.91 -20.68 1.94
N LEU B 209 -5.94 -19.77 2.16
CA LEU B 209 -5.28 -18.96 1.12
C LEU B 209 -4.01 -18.27 1.66
N PHE B 210 -3.23 -17.70 0.76
CA PHE B 210 -2.00 -16.98 1.08
C PHE B 210 -2.18 -15.46 0.90
N ALA B 211 -1.47 -14.64 1.72
CA ALA B 211 -1.53 -13.17 1.69
C ALA B 211 -0.16 -12.63 2.00
N PRO B 212 0.25 -11.44 1.46
CA PRO B 212 1.58 -10.91 1.80
C PRO B 212 1.82 -10.86 3.31
N GLY B 213 2.96 -11.38 3.73
CA GLY B 213 3.34 -11.44 5.14
C GLY B 213 4.82 -11.29 5.38
N GLU B 214 5.53 -10.62 4.46
CA GLU B 214 6.96 -10.39 4.60
C GLU B 214 7.23 -8.90 4.48
N ASP B 215 8.09 -8.36 5.36
CA ASP B 215 8.51 -6.96 5.41
C ASP B 215 7.35 -5.98 5.23
N ILE B 216 6.30 -6.16 6.06
CA ILE B 216 5.10 -5.32 5.99
C ILE B 216 5.26 -4.07 6.82
N ILE B 217 5.07 -2.91 6.19
CA ILE B 217 5.11 -1.63 6.90
C ILE B 217 3.73 -1.39 7.53
N GLY B 218 3.75 -1.14 8.83
CA GLY B 218 2.56 -0.85 9.61
C GLY B 218 2.94 -0.10 10.86
N ALA B 219 1.91 0.35 11.63
CA ALA B 219 2.06 1.10 12.88
C ALA B 219 3.11 0.51 13.84
N SER B 220 4.15 1.31 14.18
CA SER B 220 5.19 0.90 15.13
C SER B 220 4.99 1.60 16.45
N SER B 221 5.11 0.82 17.55
CA SER B 221 4.96 1.27 18.93
C SER B 221 6.18 2.08 19.43
N ASP B 222 7.25 2.20 18.60
CA ASP B 222 8.44 2.98 18.91
C ASP B 222 8.07 4.43 19.24
N CYS B 223 7.04 4.94 18.59
CA CYS B 223 6.46 6.25 18.83
C CYS B 223 5.05 6.34 18.25
N SER B 224 4.26 7.33 18.71
CA SER B 224 2.87 7.61 18.28
C SER B 224 2.72 7.75 16.78
N THR B 225 3.78 8.17 16.09
CA THR B 225 3.81 8.41 14.64
C THR B 225 4.84 7.51 13.91
N CYS B 226 5.32 6.43 14.54
CA CYS B 226 6.36 5.59 13.93
C CYS B 226 5.80 4.45 13.15
N PHE B 227 6.55 4.04 12.12
CA PHE B 227 6.25 2.91 11.23
C PHE B 227 7.38 1.91 11.23
N VAL B 228 7.06 0.62 10.99
CA VAL B 228 8.03 -0.47 10.95
C VAL B 228 7.62 -1.62 10.02
N SER B 229 8.62 -2.36 9.52
CA SER B 229 8.43 -3.53 8.67
C SER B 229 8.62 -4.83 9.45
N GLN B 230 7.50 -5.58 9.63
CA GLN B 230 7.41 -6.88 10.32
C GLN B 230 6.95 -7.99 9.35
N SER B 231 7.36 -9.26 9.63
CA SER B 231 7.02 -10.45 8.83
C SER B 231 6.18 -11.50 9.62
N GLY B 232 5.83 -12.61 8.98
CA GLY B 232 5.06 -13.66 9.64
C GLY B 232 3.63 -13.80 9.15
N THR B 233 3.02 -14.96 9.48
CA THR B 233 1.66 -15.31 9.05
C THR B 233 0.62 -14.44 9.76
N SER B 234 0.98 -13.76 10.88
CA SER B 234 0.09 -12.83 11.58
C SER B 234 -0.25 -11.71 10.61
N GLN B 235 0.80 -11.15 9.99
CA GLN B 235 0.75 -10.07 9.03
C GLN B 235 -0.18 -10.48 7.87
N ALA B 236 -0.02 -11.75 7.40
CA ALA B 236 -0.81 -12.35 6.34
C ALA B 236 -2.28 -12.41 6.75
N ALA B 237 -2.55 -12.95 7.97
CA ALA B 237 -3.88 -13.09 8.56
C ALA B 237 -4.52 -11.71 8.63
N ALA B 238 -3.82 -10.75 9.28
CA ALA B 238 -4.28 -9.36 9.43
C ALA B 238 -4.67 -8.73 8.08
N HIS B 239 -3.91 -9.05 7.01
CA HIS B 239 -4.17 -8.53 5.68
C HIS B 239 -5.54 -8.97 5.21
N VAL B 240 -5.79 -10.29 5.31
CA VAL B 240 -7.03 -10.97 4.93
C VAL B 240 -8.19 -10.50 5.81
N ALA B 241 -7.91 -10.32 7.13
CA ALA B 241 -8.84 -9.83 8.13
C ALA B 241 -9.37 -8.46 7.68
N GLY B 242 -8.49 -7.69 7.04
CA GLY B 242 -8.78 -6.37 6.48
C GLY B 242 -9.70 -6.52 5.28
N ILE B 243 -9.34 -7.40 4.30
CA ILE B 243 -10.13 -7.66 3.07
C ILE B 243 -11.53 -8.16 3.45
N ALA B 244 -11.61 -8.97 4.52
CA ALA B 244 -12.87 -9.50 5.03
C ALA B 244 -13.74 -8.35 5.58
N ALA B 245 -13.13 -7.48 6.43
CA ALA B 245 -13.75 -6.30 7.01
C ALA B 245 -14.29 -5.42 5.90
N MET B 246 -13.45 -5.15 4.86
CA MET B 246 -13.80 -4.40 3.66
C MET B 246 -15.12 -4.92 3.06
N MET B 247 -15.17 -6.25 2.82
CA MET B 247 -16.30 -6.94 2.22
C MET B 247 -17.57 -6.79 2.98
N LEU B 248 -17.52 -6.90 4.30
CA LEU B 248 -18.70 -6.80 5.13
C LEU B 248 -19.16 -5.35 5.30
N SER B 249 -18.29 -4.38 5.01
CA SER B 249 -18.64 -2.96 5.07
C SER B 249 -19.62 -2.71 3.95
N ALA B 250 -19.32 -3.29 2.79
CA ALA B 250 -20.10 -3.23 1.56
C ALA B 250 -21.38 -4.07 1.65
N GLU B 251 -21.30 -5.31 2.15
CA GLU B 251 -22.45 -6.20 2.26
C GLU B 251 -22.48 -6.87 3.65
N PRO B 252 -23.09 -6.23 4.68
CA PRO B 252 -23.13 -6.84 6.02
C PRO B 252 -23.79 -8.20 6.16
N GLU B 253 -24.69 -8.56 5.22
CA GLU B 253 -25.44 -9.81 5.29
C GLU B 253 -24.66 -11.07 4.81
N LEU B 254 -23.42 -10.91 4.26
CA LEU B 254 -22.58 -12.00 3.76
C LEU B 254 -22.33 -13.10 4.79
N THR B 255 -22.44 -14.37 4.37
CA THR B 255 -22.14 -15.50 5.26
C THR B 255 -20.65 -15.75 5.24
N LEU B 256 -20.17 -16.55 6.20
CA LEU B 256 -18.76 -16.93 6.26
C LEU B 256 -18.43 -17.70 4.99
N ALA B 257 -19.33 -18.61 4.58
CA ALA B 257 -19.19 -19.44 3.38
C ALA B 257 -19.17 -18.57 2.12
N GLU B 258 -19.98 -17.48 2.10
CA GLU B 258 -20.04 -16.54 0.99
C GLU B 258 -18.75 -15.77 0.94
N LEU B 259 -18.31 -15.23 2.08
CA LEU B 259 -17.07 -14.45 2.17
C LEU B 259 -15.83 -15.27 1.80
N ARG B 260 -15.82 -16.57 2.16
CA ARG B 260 -14.73 -17.51 1.87
C ARG B 260 -14.65 -17.72 0.38
N GLN B 261 -15.75 -18.17 -0.22
CA GLN B 261 -15.85 -18.42 -1.66
C GLN B 261 -15.33 -17.24 -2.48
N ARG B 262 -15.74 -16.00 -2.11
CA ARG B 262 -15.31 -14.76 -2.74
C ARG B 262 -13.85 -14.47 -2.45
N LEU B 263 -13.40 -14.72 -1.20
CA LEU B 263 -11.99 -14.52 -0.87
C LEU B 263 -11.15 -15.43 -1.76
N ILE B 264 -11.66 -16.65 -2.08
CA ILE B 264 -10.97 -17.62 -2.94
C ILE B 264 -11.03 -17.17 -4.40
N HIS B 265 -12.24 -16.91 -4.91
CA HIS B 265 -12.51 -16.50 -6.28
C HIS B 265 -11.65 -15.32 -6.76
N PHE B 266 -11.49 -14.30 -5.93
CA PHE B 266 -10.76 -13.09 -6.30
C PHE B 266 -9.29 -13.09 -5.86
N SER B 267 -8.77 -14.25 -5.41
CA SER B 267 -7.37 -14.39 -5.03
C SER B 267 -6.59 -14.64 -6.29
N ALA B 268 -5.35 -14.14 -6.36
CA ALA B 268 -4.48 -14.34 -7.51
C ALA B 268 -4.07 -15.81 -7.60
N LYS B 269 -4.29 -16.43 -8.76
CA LYS B 269 -4.04 -17.85 -8.96
C LYS B 269 -2.69 -18.19 -9.60
N ASP B 270 -2.12 -19.32 -9.17
CA ASP B 270 -0.87 -19.95 -9.63
C ASP B 270 0.37 -19.07 -9.55
N VAL B 271 0.37 -18.09 -8.65
CA VAL B 271 1.48 -17.14 -8.46
C VAL B 271 2.69 -17.73 -7.74
N ILE B 272 2.42 -18.72 -6.85
CA ILE B 272 3.38 -19.43 -6.01
C ILE B 272 4.04 -20.58 -6.78
N ASN B 273 5.37 -20.67 -6.73
CA ASN B 273 6.09 -21.78 -7.33
C ASN B 273 6.02 -22.89 -6.31
N GLU B 274 5.10 -23.86 -6.56
CA GLU B 274 4.76 -25.00 -5.71
C GLU B 274 5.99 -25.73 -5.14
N ALA B 275 7.16 -25.56 -5.78
CA ALA B 275 8.41 -26.17 -5.37
C ALA B 275 8.79 -25.99 -3.90
N TRP B 276 8.54 -24.79 -3.32
CA TRP B 276 8.87 -24.43 -1.92
C TRP B 276 8.24 -25.37 -0.87
N PHE B 277 7.16 -26.08 -1.27
CA PHE B 277 6.43 -27.02 -0.45
C PHE B 277 6.86 -28.46 -0.73
N PRO B 278 6.66 -29.41 0.22
CA PRO B 278 6.99 -30.81 -0.07
C PRO B 278 6.03 -31.38 -1.13
N GLU B 279 6.52 -32.24 -2.05
CA GLU B 279 5.71 -32.87 -3.12
C GLU B 279 4.38 -33.39 -2.58
N ASP B 280 4.43 -33.95 -1.35
CA ASP B 280 3.32 -34.48 -0.58
C ASP B 280 2.23 -33.41 -0.34
N GLN B 281 2.64 -32.21 0.12
CA GLN B 281 1.77 -31.09 0.48
C GLN B 281 1.38 -30.14 -0.66
N ARG B 282 1.99 -30.27 -1.86
CA ARG B 282 1.77 -29.39 -3.02
C ARG B 282 0.34 -29.38 -3.58
N VAL B 283 -0.22 -30.56 -3.78
CA VAL B 283 -1.56 -30.76 -4.32
C VAL B 283 -2.60 -30.11 -3.38
N LEU B 284 -2.46 -30.39 -2.07
CA LEU B 284 -3.32 -29.94 -0.98
C LEU B 284 -3.28 -28.43 -0.77
N THR B 285 -2.09 -27.81 -0.95
CA THR B 285 -1.88 -26.38 -0.78
C THR B 285 -2.52 -25.56 -1.91
N PRO B 286 -3.36 -24.58 -1.51
CA PRO B 286 -4.03 -23.73 -2.50
C PRO B 286 -3.05 -22.71 -3.10
N ASN B 287 -3.03 -22.56 -4.42
CA ASN B 287 -2.13 -21.59 -5.03
C ASN B 287 -2.84 -20.25 -5.22
N LEU B 288 -3.38 -19.73 -4.11
CA LEU B 288 -4.11 -18.47 -4.01
C LEU B 288 -3.32 -17.38 -3.27
N VAL B 289 -3.35 -16.15 -3.80
CA VAL B 289 -2.73 -14.99 -3.14
C VAL B 289 -3.75 -13.85 -3.08
N ALA B 290 -4.40 -13.74 -1.89
CA ALA B 290 -5.41 -12.76 -1.46
C ALA B 290 -5.39 -11.40 -2.19
N ALA B 291 -6.55 -10.97 -2.71
CA ALA B 291 -6.72 -9.68 -3.39
C ALA B 291 -8.16 -9.20 -3.23
N LEU B 292 -8.38 -7.87 -3.15
CA LEU B 292 -9.69 -7.24 -2.90
C LEU B 292 -10.79 -7.53 -3.94
N PRO B 293 -11.85 -8.24 -3.53
CA PRO B 293 -12.92 -8.57 -4.47
C PRO B 293 -13.83 -7.39 -4.78
N PRO B 294 -13.95 -6.97 -6.07
CA PRO B 294 -14.88 -5.87 -6.40
C PRO B 294 -16.33 -6.37 -6.44
N SER B 295 -17.30 -5.46 -6.13
CA SER B 295 -18.73 -5.78 -6.12
C SER B 295 -19.55 -4.57 -6.55
N GLN B 302 -24.50 -15.31 -9.79
CA GLN B 302 -23.17 -15.89 -9.95
C GLN B 302 -22.95 -17.16 -9.11
N LEU B 303 -22.24 -18.18 -9.69
CA LEU B 303 -21.94 -19.46 -9.04
C LEU B 303 -20.49 -19.58 -8.58
N PHE B 304 -20.27 -19.95 -7.31
CA PHE B 304 -18.93 -20.19 -6.79
C PHE B 304 -18.77 -21.61 -6.29
N CYS B 305 -17.66 -22.25 -6.65
CA CYS B 305 -17.30 -23.61 -6.24
C CYS B 305 -15.94 -23.61 -5.62
N ARG B 306 -15.64 -24.62 -4.77
CA ARG B 306 -14.33 -24.77 -4.12
C ARG B 306 -13.99 -26.25 -3.89
N THR B 307 -12.70 -26.58 -3.99
CA THR B 307 -12.19 -27.93 -3.77
C THR B 307 -11.93 -28.08 -2.27
N VAL B 308 -12.40 -29.19 -1.69
CA VAL B 308 -12.29 -29.51 -0.27
C VAL B 308 -11.58 -30.88 -0.16
N TRP B 309 -10.33 -30.89 0.36
CA TRP B 309 -9.57 -32.13 0.54
C TRP B 309 -9.79 -32.69 1.94
N SER B 310 -9.67 -34.01 2.06
CA SER B 310 -9.86 -34.74 3.32
C SER B 310 -8.51 -35.22 3.83
N ALA B 311 -8.48 -35.80 5.04
CA ALA B 311 -7.27 -36.37 5.62
C ALA B 311 -7.27 -37.90 5.35
N HIS B 312 -6.22 -38.38 4.63
CA HIS B 312 -5.93 -39.75 4.21
C HIS B 312 -6.94 -40.83 4.66
N ALA B 319 -11.13 -48.80 4.83
CA ALA B 319 -10.69 -47.43 5.07
C ALA B 319 -11.63 -46.41 4.41
N THR B 320 -12.07 -45.39 5.17
CA THR B 320 -12.98 -44.34 4.68
C THR B 320 -12.54 -42.92 5.07
N ALA B 321 -12.49 -42.01 4.08
CA ALA B 321 -12.14 -40.59 4.24
C ALA B 321 -13.35 -39.72 3.88
N ILE B 322 -13.61 -38.67 4.67
CA ILE B 322 -14.77 -37.80 4.45
C ILE B 322 -14.35 -36.35 4.18
N ALA B 323 -14.88 -35.74 3.10
CA ALA B 323 -14.65 -34.34 2.76
C ALA B 323 -16.02 -33.67 2.71
N ARG B 324 -16.28 -32.76 3.67
CA ARG B 324 -17.59 -32.10 3.85
C ARG B 324 -17.63 -30.62 3.43
N CYS B 325 -18.81 -30.16 2.99
CA CYS B 325 -19.09 -28.79 2.58
C CYS B 325 -19.66 -27.99 3.73
N ALA B 326 -19.61 -26.65 3.64
CA ALA B 326 -20.17 -25.77 4.66
C ALA B 326 -21.69 -25.95 4.77
N PRO B 327 -22.31 -25.66 5.94
CA PRO B 327 -23.76 -25.88 6.09
C PRO B 327 -24.67 -25.25 5.03
N ASP B 328 -24.27 -24.10 4.45
CA ASP B 328 -25.07 -23.44 3.40
C ASP B 328 -24.53 -23.73 1.97
N GLU B 329 -23.51 -24.60 1.86
CA GLU B 329 -22.92 -25.04 0.59
C GLU B 329 -23.50 -26.40 0.15
N GLU B 330 -23.64 -26.59 -1.17
CA GLU B 330 -24.15 -27.82 -1.78
C GLU B 330 -22.98 -28.62 -2.34
N LEU B 331 -23.01 -29.97 -2.20
CA LEU B 331 -21.97 -30.80 -2.79
C LEU B 331 -22.35 -31.08 -4.24
N LEU B 332 -21.63 -30.48 -5.17
CA LEU B 332 -21.97 -30.62 -6.59
C LEU B 332 -21.14 -31.71 -7.28
N SER B 333 -20.08 -32.19 -6.62
CA SER B 333 -19.22 -33.26 -7.10
C SER B 333 -18.43 -33.88 -5.97
N CYS B 334 -17.88 -35.07 -6.24
CA CYS B 334 -16.98 -35.81 -5.37
C CYS B 334 -16.02 -36.62 -6.23
N SER B 335 -14.77 -36.63 -5.80
CA SER B 335 -13.67 -37.34 -6.43
C SER B 335 -12.77 -37.88 -5.30
N SER B 336 -11.67 -38.56 -5.67
CA SER B 336 -10.67 -39.09 -4.74
C SER B 336 -9.35 -39.26 -5.44
N PHE B 337 -8.28 -39.49 -4.67
CA PHE B 337 -6.92 -39.62 -5.19
C PHE B 337 -6.05 -40.44 -4.25
N SER B 338 -5.14 -41.23 -4.84
CA SER B 338 -4.13 -42.00 -4.13
C SER B 338 -2.78 -41.71 -4.78
N ARG B 339 -1.70 -41.72 -3.98
CA ARG B 339 -0.34 -41.49 -4.48
C ARG B 339 0.09 -42.68 -5.34
N SER B 340 -0.62 -43.82 -5.21
CA SER B 340 -0.37 -45.07 -5.91
C SER B 340 -1.58 -45.56 -6.78
N GLY B 341 -2.50 -46.32 -6.17
CA GLY B 341 -3.67 -46.86 -6.86
C GLY B 341 -4.49 -47.77 -5.97
N GLU B 346 -14.87 -43.51 -5.34
CA GLU B 346 -15.54 -42.61 -4.41
C GLU B 346 -17.08 -42.64 -4.50
N ARG B 347 -17.77 -42.32 -3.37
CA ARG B 347 -19.23 -42.28 -3.29
C ARG B 347 -19.75 -40.96 -2.66
N MET B 348 -20.96 -40.54 -3.05
CA MET B 348 -21.59 -39.33 -2.52
C MET B 348 -22.74 -39.78 -1.62
N GLU B 349 -22.53 -39.83 -0.30
CA GLU B 349 -23.56 -40.30 0.63
C GLU B 349 -24.16 -39.20 1.51
N ALA B 350 -25.34 -39.44 2.08
CA ALA B 350 -26.01 -38.48 2.96
C ALA B 350 -25.58 -38.72 4.40
N GLN B 351 -25.48 -37.64 5.19
CA GLN B 351 -25.08 -37.70 6.59
C GLN B 351 -25.67 -36.53 7.35
N GLY B 352 -26.75 -36.82 8.09
CA GLY B 352 -27.48 -35.83 8.87
C GLY B 352 -28.15 -34.79 8.02
N GLY B 353 -28.85 -35.24 6.99
CA GLY B 353 -29.57 -34.38 6.05
C GLY B 353 -28.68 -33.47 5.23
N LYS B 354 -27.43 -33.89 4.98
CA LYS B 354 -26.43 -33.15 4.22
C LYS B 354 -25.45 -34.12 3.58
N LEU B 355 -25.30 -34.04 2.25
CA LEU B 355 -24.41 -34.92 1.49
C LEU B 355 -22.92 -34.69 1.73
N VAL B 356 -22.14 -35.80 1.72
CA VAL B 356 -20.69 -35.82 1.95
C VAL B 356 -19.93 -36.67 0.92
N CYS B 357 -18.72 -36.23 0.57
CA CYS B 357 -17.85 -36.98 -0.34
C CYS B 357 -17.10 -37.99 0.52
N ARG B 358 -17.31 -39.29 0.22
CA ARG B 358 -16.68 -40.42 0.91
C ARG B 358 -15.78 -41.19 -0.06
N ALA B 359 -14.52 -41.44 0.35
CA ALA B 359 -13.51 -42.18 -0.43
C ALA B 359 -13.20 -43.52 0.25
N HIS B 360 -12.94 -44.58 -0.55
CA HIS B 360 -12.66 -45.92 -0.02
C HIS B 360 -11.20 -46.35 -0.20
N GLU B 366 -2.72 -47.76 1.38
CA GLU B 366 -2.07 -46.81 2.30
C GLU B 366 -3.05 -45.75 2.82
N GLY B 367 -3.92 -45.24 1.94
CA GLY B 367 -4.92 -44.23 2.24
C GLY B 367 -5.28 -43.41 1.01
N VAL B 368 -6.47 -42.79 1.03
CA VAL B 368 -6.99 -41.94 -0.04
C VAL B 368 -7.67 -40.67 0.48
N TYR B 369 -7.64 -39.59 -0.34
CA TYR B 369 -8.26 -38.31 -0.01
C TYR B 369 -9.63 -38.19 -0.64
N ALA B 370 -10.66 -37.87 0.15
CA ALA B 370 -12.00 -37.64 -0.38
C ALA B 370 -11.98 -36.21 -0.89
N ILE B 371 -12.26 -35.98 -2.17
CA ILE B 371 -12.18 -34.63 -2.70
C ILE B 371 -13.57 -34.11 -3.10
N ALA B 372 -14.14 -33.26 -2.22
CA ALA B 372 -15.46 -32.65 -2.36
C ALA B 372 -15.40 -31.34 -3.15
N ARG B 373 -16.45 -31.05 -3.92
CA ARG B 373 -16.57 -29.78 -4.64
C ARG B 373 -17.77 -29.04 -4.05
N CYS B 374 -17.47 -28.04 -3.25
CA CYS B 374 -18.44 -27.29 -2.52
C CYS B 374 -18.84 -26.01 -3.20
N CYS B 375 -20.14 -25.86 -3.45
CA CYS B 375 -20.62 -24.71 -4.19
C CYS B 375 -21.76 -23.97 -3.53
N LEU B 376 -21.85 -22.67 -3.87
CA LEU B 376 -22.90 -21.78 -3.41
C LEU B 376 -23.88 -21.68 -4.56
N LEU B 377 -24.94 -22.49 -4.45
CA LEU B 377 -25.96 -22.57 -5.48
C LEU B 377 -27.31 -22.16 -4.88
N PRO B 378 -27.72 -20.89 -5.12
CA PRO B 378 -28.98 -20.40 -4.52
C PRO B 378 -30.20 -21.24 -4.90
N GLN B 379 -31.11 -21.43 -3.92
CA GLN B 379 -32.37 -22.19 -4.02
C GLN B 379 -32.23 -23.43 -4.91
N ALA B 380 -31.63 -24.50 -4.35
CA ALA B 380 -31.35 -25.73 -5.07
C ALA B 380 -31.90 -26.99 -4.44
N ASN B 381 -32.59 -27.81 -5.26
CA ASN B 381 -33.15 -29.10 -4.87
C ASN B 381 -32.20 -30.12 -5.48
N CYS B 382 -31.25 -30.63 -4.66
CA CYS B 382 -30.24 -31.60 -5.09
C CYS B 382 -30.50 -32.98 -4.56
N SER B 383 -30.18 -34.00 -5.38
CA SER B 383 -30.34 -35.41 -5.04
C SER B 383 -29.28 -36.26 -5.70
N VAL B 384 -28.92 -37.38 -5.06
CA VAL B 384 -27.93 -38.33 -5.58
C VAL B 384 -28.60 -39.65 -5.89
N HIS B 385 -28.56 -40.03 -7.17
CA HIS B 385 -29.13 -41.28 -7.69
C HIS B 385 -28.00 -42.26 -7.99
N THR B 386 -28.08 -43.50 -7.46
CA THR B 386 -27.03 -44.50 -7.62
C THR B 386 -27.54 -45.80 -8.26
N ALA B 387 -26.82 -46.27 -9.29
CA ALA B 387 -27.12 -47.50 -10.02
C ALA B 387 -26.00 -48.55 -9.82
N PRO B 388 -26.31 -49.75 -9.22
CA PRO B 388 -25.26 -50.76 -8.98
C PRO B 388 -24.66 -51.40 -10.24
N PRO B 389 -23.50 -52.11 -10.14
CA PRO B 389 -22.90 -52.73 -11.34
C PRO B 389 -23.83 -53.58 -12.21
N ALA B 390 -23.81 -53.29 -13.52
CA ALA B 390 -24.63 -53.95 -14.53
C ALA B 390 -23.92 -55.17 -15.15
N GLU B 391 -22.58 -55.19 -15.08
CA GLU B 391 -21.67 -56.22 -15.60
C GLU B 391 -21.75 -56.40 -17.14
N ALA B 392 -22.51 -55.51 -17.82
CA ALA B 392 -22.70 -55.48 -19.28
C ALA B 392 -21.54 -54.74 -19.96
N SER B 393 -21.24 -55.08 -21.23
CA SER B 393 -20.17 -54.49 -22.05
C SER B 393 -20.37 -53.00 -22.35
N MET B 394 -21.62 -52.49 -22.21
CA MET B 394 -21.96 -51.08 -22.41
C MET B 394 -21.43 -50.23 -21.24
N GLY B 395 -21.61 -50.72 -20.02
CA GLY B 395 -21.16 -50.09 -18.77
C GLY B 395 -22.25 -49.90 -17.74
N THR B 396 -21.91 -49.24 -16.61
CA THR B 396 -22.84 -48.93 -15.54
C THR B 396 -23.30 -47.50 -15.72
N ARG B 397 -24.61 -47.29 -15.96
CA ARG B 397 -25.17 -45.97 -16.24
C ARG B 397 -26.25 -45.52 -15.27
N VAL B 398 -26.37 -44.19 -15.12
CA VAL B 398 -27.35 -43.49 -14.28
C VAL B 398 -27.53 -42.06 -14.83
N HIS B 399 -28.79 -41.59 -14.87
CA HIS B 399 -29.13 -40.26 -15.39
C HIS B 399 -30.10 -39.48 -14.51
N CYS B 400 -30.09 -38.14 -14.64
CA CYS B 400 -30.99 -37.26 -13.92
C CYS B 400 -32.31 -37.31 -14.68
N HIS B 401 -33.04 -38.40 -14.45
CA HIS B 401 -34.32 -38.75 -15.07
C HIS B 401 -35.35 -37.63 -15.05
N GLN B 402 -35.27 -36.71 -14.07
CA GLN B 402 -36.17 -35.57 -13.95
C GLN B 402 -35.79 -34.46 -14.92
N GLN B 403 -36.76 -33.58 -15.21
CA GLN B 403 -36.59 -32.44 -16.09
C GLN B 403 -36.18 -31.23 -15.27
N GLY B 404 -35.34 -30.37 -15.85
CA GLY B 404 -34.85 -29.17 -15.17
C GLY B 404 -33.80 -29.48 -14.14
N HIS B 405 -33.55 -30.77 -13.91
CA HIS B 405 -32.57 -31.32 -12.99
C HIS B 405 -31.33 -31.73 -13.77
N VAL B 406 -30.31 -30.88 -13.67
CA VAL B 406 -29.02 -31.03 -14.36
C VAL B 406 -28.01 -31.86 -13.58
N LEU B 407 -27.08 -32.48 -14.32
CA LEU B 407 -26.00 -33.23 -13.72
C LEU B 407 -24.85 -32.28 -13.43
N THR B 408 -24.47 -32.21 -12.15
CA THR B 408 -23.39 -31.35 -11.67
C THR B 408 -22.10 -32.14 -11.52
N GLY B 409 -22.19 -33.41 -11.13
CA GLY B 409 -21.03 -34.26 -10.95
C GLY B 409 -21.34 -35.75 -10.90
N CYS B 410 -20.29 -36.58 -11.11
CA CYS B 410 -20.36 -38.05 -11.06
C CYS B 410 -19.44 -38.60 -9.97
N SER B 411 -19.69 -39.84 -9.50
CA SER B 411 -18.88 -40.53 -8.50
C SER B 411 -18.90 -42.04 -8.71
N SER B 412 -17.74 -42.60 -9.09
CA SER B 412 -17.62 -44.02 -9.35
C SER B 412 -16.76 -44.77 -8.32
N HIS B 413 -17.35 -45.81 -7.70
CA HIS B 413 -16.70 -46.67 -6.71
C HIS B 413 -17.07 -48.14 -6.94
N TRP B 414 -16.17 -49.06 -6.59
CA TRP B 414 -16.35 -50.50 -6.77
C TRP B 414 -16.70 -51.24 -5.48
N PRO B 433 -25.76 -37.18 -22.28
CA PRO B 433 -26.18 -35.92 -21.66
C PRO B 433 -26.95 -36.19 -20.38
N ASN B 434 -26.45 -35.61 -19.25
CA ASN B 434 -26.96 -35.78 -17.88
C ASN B 434 -26.88 -37.25 -17.40
N GLN B 435 -25.89 -37.99 -17.93
CA GLN B 435 -25.67 -39.39 -17.63
C GLN B 435 -24.19 -39.67 -17.28
N CYS B 436 -23.97 -40.50 -16.24
CA CYS B 436 -22.65 -40.93 -15.77
C CYS B 436 -22.40 -42.33 -16.32
N VAL B 437 -21.24 -42.56 -16.94
CA VAL B 437 -20.89 -43.89 -17.46
C VAL B 437 -19.58 -44.35 -16.78
N GLY B 438 -19.69 -45.44 -16.01
CA GLY B 438 -18.55 -46.05 -15.32
C GLY B 438 -18.29 -47.47 -15.76
N HIS B 439 -17.27 -48.12 -15.17
CA HIS B 439 -16.94 -49.50 -15.51
C HIS B 439 -18.02 -50.46 -15.02
N ARG B 440 -18.24 -51.55 -15.79
CA ARG B 440 -19.23 -52.60 -15.58
C ARG B 440 -19.31 -53.16 -14.15
N GLU B 441 -18.16 -53.31 -13.48
CA GLU B 441 -18.00 -53.87 -12.13
C GLU B 441 -18.18 -52.85 -10.99
N ALA B 442 -18.34 -51.56 -11.31
CA ALA B 442 -18.45 -50.50 -10.30
C ALA B 442 -19.81 -49.83 -10.21
N SER B 443 -20.22 -49.43 -8.99
CA SER B 443 -21.47 -48.73 -8.69
C SER B 443 -21.31 -47.25 -9.10
N ILE B 444 -22.32 -46.67 -9.76
CA ILE B 444 -22.21 -45.30 -10.27
C ILE B 444 -23.22 -44.32 -9.60
N HIS B 445 -22.68 -43.22 -9.03
CA HIS B 445 -23.42 -42.13 -8.37
C HIS B 445 -23.41 -40.88 -9.24
N ALA B 446 -24.55 -40.16 -9.26
CA ALA B 446 -24.75 -38.93 -10.03
C ALA B 446 -25.29 -37.84 -9.11
N SER B 447 -24.83 -36.58 -9.31
CA SER B 447 -25.30 -35.42 -8.55
C SER B 447 -26.28 -34.67 -9.43
N CYS B 448 -27.57 -34.69 -9.04
CA CYS B 448 -28.64 -34.08 -9.81
C CYS B 448 -29.27 -32.91 -9.06
N CYS B 449 -28.99 -31.72 -9.56
CA CYS B 449 -29.39 -30.45 -8.97
C CYS B 449 -30.34 -29.67 -9.84
N HIS B 450 -31.27 -28.95 -9.20
CA HIS B 450 -32.18 -28.04 -9.86
C HIS B 450 -32.02 -26.69 -9.19
N ALA B 451 -31.68 -25.66 -9.98
CA ALA B 451 -31.49 -24.29 -9.51
C ALA B 451 -31.99 -23.32 -10.58
N PRO B 452 -32.50 -22.12 -10.22
CA PRO B 452 -33.05 -21.21 -11.24
C PRO B 452 -32.07 -20.80 -12.32
N GLY B 453 -32.23 -21.41 -13.49
CA GLY B 453 -31.41 -21.18 -14.67
C GLY B 453 -30.00 -21.68 -14.51
N LEU B 454 -29.85 -22.99 -14.47
CA LEU B 454 -28.56 -23.61 -14.28
C LEU B 454 -28.18 -24.44 -15.51
N GLU B 455 -27.28 -23.90 -16.33
CA GLU B 455 -26.78 -24.57 -17.52
C GLU B 455 -25.58 -25.42 -17.06
N CYS B 456 -25.38 -26.63 -17.63
CA CYS B 456 -24.22 -27.48 -17.31
C CYS B 456 -23.65 -28.19 -18.53
N LYS B 457 -22.57 -27.63 -19.10
CA LYS B 457 -21.76 -28.12 -20.22
C LYS B 457 -20.94 -29.33 -19.77
N VAL B 458 -20.36 -30.06 -20.72
CA VAL B 458 -19.37 -31.11 -20.45
C VAL B 458 -18.20 -30.92 -21.41
N LYS B 459 -17.00 -30.69 -20.85
CA LYS B 459 -15.82 -30.53 -21.66
C LYS B 459 -14.91 -31.74 -21.43
N GLU B 460 -14.38 -32.31 -22.52
CA GLU B 460 -13.52 -33.48 -22.50
C GLU B 460 -12.20 -33.20 -23.18
N HIS B 461 -11.13 -33.84 -22.70
CA HIS B 461 -9.80 -33.73 -23.28
C HIS B 461 -9.06 -35.06 -23.20
N GLY B 462 -8.57 -35.50 -24.34
CA GLY B 462 -7.84 -36.77 -24.47
C GLY B 462 -6.50 -36.64 -25.14
N ILE B 463 -5.52 -37.38 -24.61
CA ILE B 463 -4.14 -37.41 -25.12
C ILE B 463 -3.62 -38.87 -25.10
N PRO B 464 -2.68 -39.28 -25.99
CA PRO B 464 -2.18 -40.66 -25.93
C PRO B 464 -1.18 -40.87 -24.79
N GLN B 467 0.58 -41.66 -20.19
CA GLN B 467 0.98 -40.34 -19.71
C GLN B 467 0.71 -40.12 -18.21
N GLU B 468 1.09 -38.93 -17.66
CA GLU B 468 0.95 -38.59 -16.24
C GLU B 468 -0.31 -37.77 -15.92
N GLN B 469 -0.41 -36.51 -16.40
CA GLN B 469 -1.58 -35.67 -16.11
C GLN B 469 -2.13 -34.89 -17.32
N VAL B 470 -3.42 -35.12 -17.61
CA VAL B 470 -4.18 -34.44 -18.66
C VAL B 470 -5.08 -33.42 -17.99
N THR B 471 -5.32 -32.27 -18.65
CA THR B 471 -6.12 -31.23 -18.06
C THR B 471 -7.16 -30.65 -19.04
N VAL B 472 -8.40 -30.51 -18.53
CA VAL B 472 -9.57 -29.94 -19.22
C VAL B 472 -10.10 -28.76 -18.37
N ALA B 473 -10.46 -27.62 -18.99
CA ALA B 473 -10.88 -26.46 -18.20
C ALA B 473 -12.06 -25.68 -18.75
N CYS B 474 -12.92 -25.19 -17.83
CA CYS B 474 -14.11 -24.39 -18.13
C CYS B 474 -13.76 -23.03 -18.70
N GLU B 475 -14.60 -22.56 -19.64
CA GLU B 475 -14.46 -21.28 -20.32
C GLU B 475 -14.82 -20.15 -19.35
N GLU B 476 -14.20 -18.97 -19.56
CA GLU B 476 -14.42 -17.78 -18.73
C GLU B 476 -15.90 -17.38 -18.72
N GLY B 477 -16.59 -17.84 -17.69
CA GLY B 477 -18.03 -17.66 -17.48
C GLY B 477 -18.70 -18.91 -16.94
N TRP B 478 -17.93 -20.02 -16.91
CA TRP B 478 -18.37 -21.33 -16.44
C TRP B 478 -17.56 -21.79 -15.21
N THR B 479 -18.27 -22.32 -14.20
CA THR B 479 -17.68 -22.83 -12.96
C THR B 479 -17.59 -24.35 -13.03
N LEU B 480 -16.41 -24.91 -12.73
CA LEU B 480 -16.23 -26.36 -12.73
C LEU B 480 -17.01 -26.96 -11.54
N THR B 481 -18.00 -27.80 -11.84
CA THR B 481 -18.81 -28.40 -10.78
C THR B 481 -18.34 -29.78 -10.46
N GLY B 482 -17.82 -30.46 -11.49
CA GLY B 482 -17.37 -31.84 -11.39
C GLY B 482 -16.27 -32.29 -12.32
N CYS B 483 -15.13 -32.68 -11.72
CA CYS B 483 -13.97 -33.23 -12.41
C CYS B 483 -14.04 -34.76 -12.31
N SER B 484 -13.54 -35.45 -13.35
CA SER B 484 -13.56 -36.91 -13.44
C SER B 484 -12.62 -37.44 -14.51
N ALA B 485 -12.29 -38.72 -14.39
CA ALA B 485 -11.47 -39.44 -15.35
C ALA B 485 -12.42 -40.41 -16.07
N LEU B 486 -12.32 -40.49 -17.41
CA LEU B 486 -13.18 -41.39 -18.18
C LEU B 486 -12.63 -42.83 -18.05
N PRO B 487 -13.50 -43.87 -17.88
CA PRO B 487 -12.96 -45.24 -17.68
C PRO B 487 -12.30 -45.87 -18.91
N GLY B 494 -5.65 -41.05 -9.16
CA GLY B 494 -6.90 -40.32 -8.93
C GLY B 494 -7.07 -39.07 -9.79
N ALA B 495 -8.22 -38.37 -9.64
CA ALA B 495 -8.56 -37.13 -10.37
C ALA B 495 -9.13 -36.06 -9.42
N TYR B 496 -8.89 -34.76 -9.72
CA TYR B 496 -9.30 -33.63 -8.87
C TYR B 496 -9.41 -32.29 -9.63
N ALA B 497 -10.08 -31.28 -9.02
CA ALA B 497 -10.26 -29.96 -9.63
C ALA B 497 -9.36 -28.85 -9.04
N VAL B 498 -8.46 -28.33 -9.87
CA VAL B 498 -7.56 -27.23 -9.55
C VAL B 498 -8.22 -25.95 -10.09
N ASP B 499 -8.95 -25.25 -9.22
CA ASP B 499 -9.68 -24.03 -9.56
C ASP B 499 -10.72 -24.39 -10.61
N ASN B 500 -10.67 -23.76 -11.80
CA ASN B 500 -11.60 -24.09 -12.87
C ASN B 500 -10.97 -25.00 -13.90
N THR B 501 -10.03 -25.88 -13.44
CA THR B 501 -9.29 -26.84 -14.26
C THR B 501 -9.40 -28.25 -13.67
N CYS B 502 -9.82 -29.22 -14.47
CA CYS B 502 -9.97 -30.59 -14.02
C CYS B 502 -8.73 -31.35 -14.39
N VAL B 503 -8.12 -31.99 -13.39
CA VAL B 503 -6.88 -32.74 -13.53
C VAL B 503 -7.13 -34.23 -13.26
N VAL B 504 -6.48 -35.10 -14.04
CA VAL B 504 -6.54 -36.57 -13.96
C VAL B 504 -5.09 -37.09 -13.84
N ARG B 505 -4.80 -37.94 -12.83
CA ARG B 505 -3.44 -38.45 -12.57
C ARG B 505 -3.24 -39.97 -12.71
N SER B 506 -2.20 -40.35 -13.48
CA SER B 506 -1.79 -41.72 -13.76
C SER B 506 -0.26 -41.82 -13.94
N ARG B 507 0.25 -43.01 -14.33
CA ARG B 507 1.67 -43.26 -14.52
C ARG B 507 2.01 -43.53 -15.99
N ALA B 519 -6.08 -43.87 -24.75
CA ALA B 519 -5.96 -42.43 -24.58
C ALA B 519 -6.54 -41.97 -23.25
N VAL B 520 -5.83 -41.07 -22.54
CA VAL B 520 -6.25 -40.53 -21.23
C VAL B 520 -7.24 -39.40 -21.42
N THR B 521 -8.52 -39.70 -21.17
CA THR B 521 -9.62 -38.75 -21.32
C THR B 521 -10.10 -38.20 -19.97
N ALA B 522 -10.02 -36.87 -19.82
CA ALA B 522 -10.43 -36.13 -18.62
C ALA B 522 -11.79 -35.51 -18.88
N VAL B 523 -12.70 -35.60 -17.90
CA VAL B 523 -14.07 -35.09 -18.03
C VAL B 523 -14.38 -34.02 -16.98
N ALA B 524 -14.72 -32.81 -17.45
CA ALA B 524 -15.14 -31.71 -16.58
C ALA B 524 -16.56 -31.29 -16.90
N ILE B 525 -17.36 -31.03 -15.86
CA ILE B 525 -18.72 -30.53 -15.97
C ILE B 525 -18.64 -29.04 -15.63
N CYS B 526 -19.18 -28.20 -16.50
CA CYS B 526 -19.12 -26.77 -16.27
C CYS B 526 -20.52 -26.20 -16.05
N CYS B 527 -20.77 -25.51 -14.92
CA CYS B 527 -22.11 -25.01 -14.70
C CYS B 527 -22.21 -23.48 -14.68
N ARG B 528 -23.43 -22.93 -14.93
CA ARG B 528 -23.63 -21.49 -15.10
C ARG B 528 -24.93 -20.92 -14.51
N SER B 529 -25.09 -19.58 -14.54
CA SER B 529 -26.25 -18.83 -14.09
C SER B 529 -27.31 -18.68 -15.22
N GLU C 1 26.69 3.65 -2.12
CA GLU C 1 26.28 2.84 -3.25
C GLU C 1 24.75 2.56 -3.26
N VAL C 2 23.97 3.54 -2.74
CA VAL C 2 22.51 3.50 -2.70
C VAL C 2 22.04 4.54 -3.72
N GLN C 3 21.24 4.12 -4.71
CA GLN C 3 20.76 5.08 -5.72
C GLN C 3 19.37 4.77 -6.27
N LEU C 4 18.65 5.84 -6.59
CA LEU C 4 17.32 5.83 -7.17
C LEU C 4 17.45 6.51 -8.55
N VAL C 5 17.58 5.70 -9.62
CA VAL C 5 17.75 6.20 -10.99
C VAL C 5 16.40 6.58 -11.57
N GLU C 6 16.27 7.81 -12.03
CA GLU C 6 15.00 8.30 -12.55
C GLU C 6 14.98 8.42 -14.07
N SER C 7 13.99 7.76 -14.70
CA SER C 7 13.85 7.73 -16.15
C SER C 7 12.40 7.78 -16.58
N GLY C 8 12.17 7.95 -17.88
CA GLY C 8 10.84 7.97 -18.47
C GLY C 8 10.25 9.34 -18.76
N GLY C 9 10.76 10.36 -18.08
CA GLY C 9 10.30 11.72 -18.21
C GLY C 9 10.60 12.37 -19.55
N GLY C 10 9.81 13.39 -19.89
CA GLY C 10 9.94 14.14 -21.12
C GLY C 10 8.79 15.07 -21.40
N LEU C 11 8.48 15.27 -22.69
CA LEU C 11 7.41 16.15 -23.15
C LEU C 11 6.21 15.34 -23.61
N VAL C 12 4.99 15.77 -23.22
CA VAL C 12 3.71 15.17 -23.57
C VAL C 12 2.62 16.25 -23.68
N GLN C 13 1.61 16.04 -24.54
CA GLN C 13 0.50 16.97 -24.79
C GLN C 13 -0.58 16.91 -23.68
N PRO C 14 -1.38 18.00 -23.44
CA PRO C 14 -2.42 17.94 -22.40
C PRO C 14 -3.45 16.87 -22.67
N GLY C 15 -3.86 16.18 -21.60
CA GLY C 15 -4.80 15.08 -21.65
C GLY C 15 -4.14 13.74 -21.89
N GLY C 16 -2.86 13.78 -22.28
CA GLY C 16 -2.06 12.60 -22.59
C GLY C 16 -1.65 11.77 -21.40
N SER C 17 -0.92 10.69 -21.67
CA SER C 17 -0.43 9.79 -20.63
C SER C 17 1.08 9.70 -20.65
N LEU C 18 1.69 9.39 -19.49
CA LEU C 18 3.15 9.24 -19.32
C LEU C 18 3.52 8.25 -18.21
N ARG C 19 4.52 7.37 -18.46
CA ARG C 19 5.02 6.40 -17.49
C ARG C 19 6.46 6.74 -17.14
N LEU C 20 6.77 6.74 -15.85
CA LEU C 20 8.07 7.06 -15.28
C LEU C 20 8.66 5.85 -14.52
N SER C 21 9.99 5.82 -14.33
CA SER C 21 10.69 4.73 -13.65
C SER C 21 11.70 5.20 -12.60
N CYS C 22 11.77 4.46 -11.49
CA CYS C 22 12.65 4.71 -10.34
C CYS C 22 13.44 3.42 -10.10
N ALA C 23 14.69 3.39 -10.56
CA ALA C 23 15.56 2.20 -10.46
C ALA C 23 16.30 2.18 -9.15
N ALA C 24 15.91 1.27 -8.26
CA ALA C 24 16.50 1.13 -6.93
C ALA C 24 17.68 0.19 -6.90
N SER C 25 18.82 0.68 -6.43
CA SER C 25 20.05 -0.09 -6.33
C SER C 25 20.68 0.09 -4.97
N GLY C 26 21.38 -0.95 -4.53
CA GLY C 26 22.13 -0.94 -3.28
C GLY C 26 21.36 -0.96 -1.98
N PHE C 27 20.24 -1.71 -1.94
CA PHE C 27 19.41 -1.92 -0.76
C PHE C 27 18.22 -2.82 -1.03
N THR C 28 17.80 -3.56 0.01
CA THR C 28 16.66 -4.48 0.02
C THR C 28 15.38 -3.71 -0.36
N PHE C 29 14.95 -3.84 -1.62
CA PHE C 29 13.83 -3.13 -2.25
C PHE C 29 12.50 -3.25 -1.52
N SER C 30 11.96 -4.48 -1.36
CA SER C 30 10.68 -4.79 -0.72
C SER C 30 10.52 -4.18 0.67
N SER C 31 11.61 -4.19 1.44
CA SER C 31 11.76 -3.71 2.82
C SER C 31 11.35 -2.26 3.05
N THR C 32 11.59 -1.39 2.05
CA THR C 32 11.35 0.05 2.15
C THR C 32 10.05 0.51 1.47
N ALA C 33 9.75 1.81 1.63
CA ALA C 33 8.67 2.55 1.00
C ALA C 33 9.32 3.56 0.04
N ILE C 34 8.73 3.75 -1.17
CA ILE C 34 9.24 4.69 -2.17
C ILE C 34 8.17 5.71 -2.48
N HIS C 35 8.54 6.99 -2.42
CA HIS C 35 7.63 8.09 -2.68
C HIS C 35 8.03 8.78 -3.96
N TRP C 36 7.08 9.56 -4.51
CA TRP C 36 7.26 10.44 -5.65
C TRP C 36 6.92 11.84 -5.15
N VAL C 37 7.86 12.78 -5.34
CA VAL C 37 7.73 14.18 -4.96
C VAL C 37 8.03 15.00 -6.20
N ARG C 38 7.01 15.70 -6.69
CA ARG C 38 7.18 16.55 -7.86
C ARG C 38 7.44 17.98 -7.40
N GLN C 39 7.90 18.85 -8.32
CA GLN C 39 8.21 20.24 -8.03
C GLN C 39 8.11 21.10 -9.27
N ALA C 40 7.10 21.99 -9.32
CA ALA C 40 6.92 22.92 -10.43
C ALA C 40 8.08 23.93 -10.39
N PRO C 41 8.64 24.37 -11.55
CA PRO C 41 9.83 25.24 -11.56
C PRO C 41 10.01 26.26 -10.42
N GLY C 42 9.27 27.37 -10.47
CA GLY C 42 9.38 28.42 -9.46
C GLY C 42 8.81 28.05 -8.10
N LYS C 43 8.09 26.92 -8.03
CA LYS C 43 7.39 26.44 -6.85
C LYS C 43 8.21 25.44 -6.00
N GLY C 44 7.69 25.13 -4.81
CA GLY C 44 8.30 24.19 -3.87
C GLY C 44 8.02 22.74 -4.14
N LEU C 45 8.18 21.89 -3.09
CA LEU C 45 8.01 20.43 -3.13
C LEU C 45 6.60 20.01 -2.80
N GLU C 46 6.06 19.08 -3.62
CA GLU C 46 4.73 18.49 -3.51
C GLU C 46 4.84 16.99 -3.60
N TRP C 47 4.47 16.29 -2.50
CA TRP C 47 4.45 14.82 -2.50
C TRP C 47 3.25 14.37 -3.30
N VAL C 48 3.46 13.47 -4.26
CA VAL C 48 2.36 13.00 -5.09
C VAL C 48 1.86 11.66 -4.64
N ALA C 49 2.76 10.68 -4.41
CA ALA C 49 2.30 9.36 -3.99
C ALA C 49 3.39 8.45 -3.46
N ARG C 50 2.98 7.44 -2.68
CA ARG C 50 3.92 6.49 -2.09
C ARG C 50 3.49 5.03 -2.37
N ILE C 51 4.38 4.09 -2.06
CA ILE C 51 4.21 2.65 -2.21
C ILE C 51 5.07 1.92 -1.18
N SER C 52 4.65 0.70 -0.81
CA SER C 52 5.37 -0.19 0.08
C SER C 52 5.48 -1.52 -0.72
N PRO C 53 6.56 -1.65 -1.56
CA PRO C 53 6.69 -2.79 -2.51
C PRO C 53 6.26 -4.21 -2.13
N ALA C 54 6.43 -4.67 -0.89
CA ALA C 54 6.06 -6.06 -0.55
C ALA C 54 4.53 -6.25 -0.40
N ASN C 55 3.90 -5.32 0.32
CA ASN C 55 2.48 -5.17 0.64
C ASN C 55 1.74 -4.75 -0.62
N GLY C 56 2.42 -3.92 -1.41
CA GLY C 56 1.90 -3.30 -2.62
C GLY C 56 1.09 -2.08 -2.22
N ASN C 57 0.99 -1.83 -0.90
CA ASN C 57 0.22 -0.75 -0.26
C ASN C 57 0.64 0.63 -0.74
N THR C 58 -0.37 1.43 -1.11
CA THR C 58 -0.17 2.79 -1.61
C THR C 58 -1.04 3.84 -0.91
N ASN C 59 -0.65 5.10 -1.11
CA ASN C 59 -1.34 6.32 -0.74
C ASN C 59 -0.94 7.41 -1.74
N TYR C 60 -1.91 8.25 -2.12
CA TYR C 60 -1.74 9.28 -3.13
C TYR C 60 -2.07 10.64 -2.56
N ALA C 61 -1.80 11.70 -3.35
CA ALA C 61 -2.12 13.07 -3.00
C ALA C 61 -3.47 13.34 -3.62
N ASP C 62 -4.36 14.04 -2.90
CA ASP C 62 -5.71 14.36 -3.38
C ASP C 62 -5.66 15.10 -4.67
N SER C 63 -4.62 15.92 -4.87
CA SER C 63 -4.35 16.68 -6.08
C SER C 63 -4.23 15.78 -7.33
N VAL C 64 -3.60 14.62 -7.14
CA VAL C 64 -3.30 13.66 -8.20
C VAL C 64 -4.19 12.38 -8.17
N LYS C 65 -5.11 12.28 -7.18
CA LYS C 65 -6.02 11.14 -6.99
C LYS C 65 -6.80 10.78 -8.25
N GLY C 66 -6.81 9.50 -8.58
CA GLY C 66 -7.52 8.97 -9.74
C GLY C 66 -6.82 9.10 -11.09
N ARG C 67 -5.85 10.02 -11.20
CA ARG C 67 -5.10 10.24 -12.46
C ARG C 67 -3.79 9.46 -12.49
N PHE C 68 -2.99 9.56 -11.41
CA PHE C 68 -1.69 8.90 -11.31
C PHE C 68 -1.80 7.59 -10.54
N THR C 69 -0.98 6.59 -10.91
CA THR C 69 -1.01 5.28 -10.26
C THR C 69 0.39 4.66 -10.10
N ILE C 70 0.78 4.40 -8.84
CA ILE C 70 2.06 3.76 -8.50
C ILE C 70 1.98 2.24 -8.64
N SER C 71 3.00 1.68 -9.28
CA SER C 71 3.21 0.26 -9.43
C SER C 71 4.67 0.00 -9.06
N ALA C 72 4.98 -1.24 -8.67
CA ALA C 72 6.35 -1.61 -8.33
C ALA C 72 6.65 -3.02 -8.81
N ASP C 73 7.80 -3.20 -9.45
CA ASP C 73 8.28 -4.46 -9.96
C ASP C 73 9.39 -4.89 -9.06
N THR C 74 9.08 -5.73 -8.06
CA THR C 74 10.04 -6.22 -7.07
C THR C 74 11.16 -7.04 -7.70
N SER C 75 10.83 -7.74 -8.80
CA SER C 75 11.75 -8.56 -9.57
C SER C 75 12.77 -7.69 -10.28
N LYS C 76 12.31 -6.60 -10.90
CA LYS C 76 13.17 -5.68 -11.61
C LYS C 76 13.67 -4.53 -10.73
N ASN C 77 13.26 -4.50 -9.43
CA ASN C 77 13.64 -3.49 -8.45
C ASN C 77 13.38 -2.06 -8.94
N THR C 78 12.17 -1.85 -9.51
CA THR C 78 11.77 -0.55 -10.07
C THR C 78 10.40 -0.13 -9.62
N ALA C 79 10.24 1.17 -9.36
CA ALA C 79 8.97 1.78 -8.99
C ALA C 79 8.52 2.63 -10.17
N TYR C 80 7.23 2.57 -10.53
CA TYR C 80 6.69 3.32 -11.67
C TYR C 80 5.56 4.23 -11.28
N LEU C 81 5.41 5.34 -12.02
CA LEU C 81 4.32 6.28 -11.85
C LEU C 81 3.58 6.45 -13.17
N GLN C 82 2.36 5.90 -13.27
CA GLN C 82 1.53 6.00 -14.47
C GLN C 82 0.67 7.23 -14.33
N MET C 83 1.03 8.28 -15.11
CA MET C 83 0.41 9.60 -15.14
C MET C 83 -0.54 9.78 -16.32
N ASN C 84 -1.80 9.39 -16.12
CA ASN C 84 -2.83 9.50 -17.14
C ASN C 84 -3.62 10.78 -16.89
N SER C 85 -4.44 11.21 -17.88
CA SER C 85 -5.31 12.40 -17.84
C SER C 85 -4.56 13.71 -17.49
N LEU C 86 -3.27 13.77 -17.88
CA LEU C 86 -2.36 14.87 -17.61
C LEU C 86 -2.92 16.26 -17.88
N ARG C 87 -2.66 17.19 -16.96
CA ARG C 87 -3.08 18.58 -17.03
C ARG C 87 -1.87 19.41 -17.41
N ALA C 88 -1.99 20.73 -17.38
CA ALA C 88 -0.88 21.63 -17.69
C ALA C 88 -0.05 21.89 -16.43
N GLU C 89 -0.74 22.00 -15.28
CA GLU C 89 -0.17 22.25 -13.95
C GLU C 89 0.81 21.17 -13.52
N ASP C 90 0.60 19.92 -14.02
CA ASP C 90 1.42 18.74 -13.72
C ASP C 90 2.87 18.85 -14.18
N THR C 91 3.22 19.98 -14.84
CA THR C 91 4.59 20.26 -15.27
C THR C 91 5.44 20.39 -14.01
N ALA C 92 6.42 19.48 -13.89
CA ALA C 92 7.31 19.43 -12.73
C ALA C 92 8.50 18.51 -12.96
N VAL C 93 9.48 18.60 -12.04
CA VAL C 93 10.66 17.76 -11.92
C VAL C 93 10.15 16.66 -11.01
N TYR C 94 10.21 15.43 -11.45
CA TYR C 94 9.70 14.35 -10.64
C TYR C 94 10.81 13.63 -9.93
N TYR C 95 10.77 13.62 -8.60
CA TYR C 95 11.77 12.91 -7.80
C TYR C 95 11.16 11.68 -7.16
N CYS C 96 11.97 10.62 -7.01
CA CYS C 96 11.56 9.45 -6.26
C CYS C 96 12.55 9.31 -5.11
N ALA C 97 12.02 9.04 -3.93
CA ALA C 97 12.84 9.00 -2.73
C ALA C 97 12.46 7.84 -1.86
N ARG C 98 13.48 7.26 -1.20
CA ARG C 98 13.24 6.13 -0.34
C ARG C 98 13.08 6.56 1.09
N TRP C 99 12.29 5.78 1.85
CA TRP C 99 12.02 5.96 3.26
C TRP C 99 13.24 5.52 4.11
N ILE C 100 13.63 6.36 5.10
CA ILE C 100 14.72 6.13 6.05
C ILE C 100 14.68 4.73 6.71
N GLY C 101 13.52 4.06 6.65
CA GLY C 101 13.31 2.71 7.20
C GLY C 101 12.77 2.64 8.62
N SER C 102 12.69 3.78 9.33
CA SER C 102 12.20 3.84 10.70
C SER C 102 11.39 5.11 10.92
N ARG C 103 10.97 5.34 12.17
CA ARG C 103 10.25 6.55 12.60
C ARG C 103 9.04 6.88 11.68
N GLU C 104 8.81 8.17 11.35
CA GLU C 104 7.69 8.54 10.50
C GLU C 104 7.93 8.10 9.06
N LEU C 105 6.89 7.53 8.45
CA LEU C 105 6.88 6.95 7.11
C LEU C 105 7.34 7.86 5.94
N TYR C 106 7.15 9.16 6.05
CA TYR C 106 7.48 10.09 4.97
C TYR C 106 8.92 10.61 5.01
N ILE C 107 9.73 10.14 5.98
CA ILE C 107 11.13 10.55 6.11
C ILE C 107 11.97 9.95 4.93
N MET C 108 12.30 10.81 3.93
CA MET C 108 13.04 10.47 2.71
C MET C 108 14.53 10.72 2.85
N ASP C 109 15.32 9.68 3.18
CA ASP C 109 16.77 9.84 3.38
C ASP C 109 17.55 10.02 2.06
N TYR C 110 17.25 9.19 1.04
CA TYR C 110 17.88 9.29 -0.28
C TYR C 110 16.85 9.69 -1.32
N TRP C 111 17.22 10.63 -2.20
CA TRP C 111 16.40 11.18 -3.28
C TRP C 111 17.08 10.93 -4.62
N GLY C 112 16.29 10.79 -5.67
CA GLY C 112 16.82 10.62 -7.02
C GLY C 112 17.26 11.95 -7.61
N GLN C 113 17.81 11.92 -8.84
CA GLN C 113 18.27 13.13 -9.51
C GLN C 113 17.13 13.99 -10.03
N GLY C 114 16.02 13.34 -10.42
CA GLY C 114 14.84 14.01 -10.95
C GLY C 114 14.69 13.83 -12.45
N THR C 115 13.45 13.64 -12.90
CA THR C 115 13.14 13.48 -14.31
C THR C 115 12.14 14.57 -14.71
N LEU C 116 12.47 15.35 -15.74
CA LEU C 116 11.65 16.47 -16.16
C LEU C 116 10.40 16.10 -16.98
N VAL C 117 9.25 16.58 -16.51
CA VAL C 117 7.95 16.37 -17.15
C VAL C 117 7.38 17.72 -17.54
N THR C 118 7.30 17.95 -18.84
CA THR C 118 6.77 19.17 -19.45
C THR C 118 5.51 18.79 -20.20
N VAL C 119 4.38 19.44 -19.88
CA VAL C 119 3.11 19.13 -20.49
C VAL C 119 2.37 20.41 -20.93
N SER C 120 2.27 20.62 -22.27
CA SER C 120 1.60 21.76 -22.93
C SER C 120 1.28 21.45 -24.39
N SER C 121 0.27 22.16 -24.94
CA SER C 121 -0.13 22.04 -26.33
C SER C 121 0.73 23.01 -27.13
N ALA C 122 1.95 22.57 -27.43
CA ALA C 122 2.95 23.36 -28.15
C ALA C 122 3.91 22.45 -28.91
N SER C 123 4.40 22.96 -30.05
CA SER C 123 5.36 22.27 -30.91
C SER C 123 6.64 23.07 -30.92
N THR C 124 7.78 22.35 -30.98
CA THR C 124 9.15 22.87 -30.98
C THR C 124 9.33 24.12 -31.88
N LYS C 125 9.64 25.29 -31.28
CA LYS C 125 9.85 26.55 -31.99
C LYS C 125 11.18 27.21 -31.61
N GLY C 126 11.80 27.86 -32.60
CA GLY C 126 13.05 28.58 -32.43
C GLY C 126 12.81 30.03 -32.04
N PRO C 127 13.73 30.69 -31.32
CA PRO C 127 13.50 32.09 -30.92
C PRO C 127 13.92 33.11 -31.98
N SER C 128 13.50 34.38 -31.79
CA SER C 128 13.86 35.48 -32.68
C SER C 128 14.51 36.59 -31.84
N VAL C 129 15.81 36.86 -32.07
CA VAL C 129 16.61 37.84 -31.32
C VAL C 129 16.26 39.28 -31.73
N PHE C 130 16.05 40.15 -30.72
CA PHE C 130 15.74 41.57 -30.87
C PHE C 130 16.64 42.44 -29.99
N PRO C 131 17.34 43.46 -30.56
CA PRO C 131 18.26 44.26 -29.75
C PRO C 131 17.60 45.24 -28.78
N LEU C 132 18.38 45.65 -27.75
CA LEU C 132 18.00 46.61 -26.70
C LEU C 132 19.10 47.68 -26.63
N ALA C 133 19.05 48.65 -27.57
CA ALA C 133 20.03 49.73 -27.77
C ALA C 133 20.02 50.87 -26.74
N PRO C 134 21.21 51.40 -26.35
CA PRO C 134 21.23 52.53 -25.39
C PRO C 134 20.86 53.85 -26.06
N SER C 135 20.53 54.87 -25.23
CA SER C 135 20.12 56.23 -25.62
C SER C 135 18.87 56.24 -26.55
N SER C 136 17.67 56.19 -25.92
CA SER C 136 16.36 56.17 -26.58
C SER C 136 15.87 57.55 -26.99
N GLY C 142 27.16 57.74 -16.24
CA GLY C 142 28.47 57.10 -16.10
C GLY C 142 28.56 55.78 -16.83
N THR C 143 27.62 54.85 -16.53
CA THR C 143 27.57 53.51 -17.13
C THR C 143 26.23 53.30 -17.86
N ALA C 144 26.30 52.79 -19.11
CA ALA C 144 25.12 52.53 -19.95
C ALA C 144 25.15 51.15 -20.63
N ALA C 145 24.29 50.23 -20.14
CA ALA C 145 24.15 48.85 -20.60
C ALA C 145 23.32 48.69 -21.88
N LEU C 146 23.44 47.51 -22.52
CA LEU C 146 22.74 47.11 -23.74
C LEU C 146 22.66 45.58 -23.80
N GLY C 147 21.58 45.05 -24.38
CA GLY C 147 21.40 43.61 -24.49
C GLY C 147 20.53 43.12 -25.63
N CYS C 148 20.19 41.82 -25.58
CA CYS C 148 19.36 41.10 -26.55
C CYS C 148 17.99 40.73 -25.93
N LEU C 149 17.12 40.08 -26.73
CA LEU C 149 15.81 39.60 -26.31
C LEU C 149 15.54 38.29 -27.04
N VAL C 150 15.76 37.16 -26.36
CA VAL C 150 15.53 35.82 -26.90
C VAL C 150 14.03 35.56 -26.73
N LYS C 151 13.21 35.94 -27.74
CA LYS C 151 11.75 35.86 -27.66
C LYS C 151 11.08 34.79 -28.51
N ASP C 152 9.98 34.24 -27.95
CA ASP C 152 9.06 33.22 -28.45
C ASP C 152 9.76 31.96 -28.99
N TYR C 153 9.87 30.94 -28.12
CA TYR C 153 10.47 29.64 -28.41
C TYR C 153 9.93 28.53 -27.51
N PHE C 154 10.09 27.28 -27.96
CA PHE C 154 9.67 26.09 -27.25
C PHE C 154 10.56 24.89 -27.67
N PRO C 155 10.96 23.98 -26.76
CA PRO C 155 10.69 23.95 -25.32
C PRO C 155 11.77 24.73 -24.58
N GLU C 156 12.66 24.02 -23.89
CA GLU C 156 13.79 24.57 -23.13
C GLU C 156 14.95 23.55 -23.20
N PRO C 157 16.24 23.96 -23.10
CA PRO C 157 16.79 25.29 -22.83
C PRO C 157 17.33 26.06 -24.04
N VAL C 158 18.28 26.98 -23.78
CA VAL C 158 19.00 27.85 -24.72
C VAL C 158 20.19 28.51 -23.97
N THR C 159 21.40 28.47 -24.57
CA THR C 159 22.60 29.07 -23.97
C THR C 159 22.86 30.44 -24.60
N VAL C 160 23.11 31.46 -23.77
CA VAL C 160 23.39 32.82 -24.26
C VAL C 160 24.80 33.24 -23.84
N SER C 161 25.78 33.03 -24.74
CA SER C 161 27.20 33.39 -24.56
C SER C 161 27.48 34.67 -25.35
N TRP C 162 28.34 35.53 -24.81
CA TRP C 162 28.69 36.79 -25.48
C TRP C 162 30.10 36.75 -26.04
N ASN C 163 30.20 36.80 -27.40
CA ASN C 163 31.42 36.76 -28.22
C ASN C 163 32.19 35.43 -28.10
N SER C 164 31.45 34.30 -28.20
CA SER C 164 31.92 32.91 -28.16
C SER C 164 32.83 32.58 -26.95
N GLY C 165 32.37 32.96 -25.77
CA GLY C 165 33.07 32.72 -24.50
C GLY C 165 34.27 33.61 -24.26
N ALA C 166 34.09 34.93 -24.49
CA ALA C 166 35.14 35.94 -24.29
C ALA C 166 34.76 36.93 -23.20
N LEU C 167 33.44 37.17 -23.02
CA LEU C 167 32.89 38.09 -22.03
C LEU C 167 32.07 37.36 -20.95
N THR C 168 32.63 37.25 -19.72
CA THR C 168 32.01 36.58 -18.56
C THR C 168 31.48 37.62 -17.56
N SER C 169 32.14 38.78 -17.47
CA SER C 169 31.79 39.85 -16.55
C SER C 169 30.52 40.60 -16.96
N GLY C 170 29.70 40.92 -15.96
CA GLY C 170 28.45 41.66 -16.09
C GLY C 170 27.34 41.01 -16.90
N VAL C 171 27.54 39.75 -17.32
CA VAL C 171 26.57 38.99 -18.12
C VAL C 171 25.45 38.38 -17.23
N HIS C 172 24.30 39.09 -17.17
CA HIS C 172 23.10 38.72 -16.41
C HIS C 172 22.05 38.09 -17.34
N THR C 173 22.21 36.78 -17.64
CA THR C 173 21.30 36.04 -18.50
C THR C 173 20.11 35.53 -17.65
N PHE C 174 19.07 36.39 -17.53
CA PHE C 174 17.83 36.19 -16.79
C PHE C 174 17.15 34.86 -17.12
N PRO C 175 16.47 34.22 -16.14
CA PRO C 175 15.77 32.95 -16.42
C PRO C 175 14.64 33.12 -17.44
N ALA C 176 14.35 32.05 -18.21
CA ALA C 176 13.30 32.02 -19.22
C ALA C 176 11.94 32.19 -18.55
N VAL C 177 11.05 32.97 -19.18
CA VAL C 177 9.72 33.23 -18.61
C VAL C 177 8.62 32.80 -19.60
N LEU C 178 7.68 31.98 -19.10
CA LEU C 178 6.56 31.46 -19.88
C LEU C 178 5.46 32.50 -20.06
N GLN C 179 5.19 32.85 -21.34
CA GLN C 179 4.18 33.83 -21.77
C GLN C 179 2.78 33.22 -21.88
N SER C 180 1.75 34.09 -21.98
CA SER C 180 0.34 33.70 -22.14
C SER C 180 0.09 32.96 -23.49
N SER C 181 1.12 32.90 -24.34
CA SER C 181 1.11 32.22 -25.64
C SER C 181 1.48 30.73 -25.52
N GLY C 182 2.29 30.40 -24.50
CA GLY C 182 2.79 29.05 -24.25
C GLY C 182 4.19 28.91 -24.80
N LEU C 183 4.93 30.03 -24.81
CA LEU C 183 6.29 30.16 -25.32
C LEU C 183 7.14 30.91 -24.32
N TYR C 184 8.46 30.69 -24.35
CA TYR C 184 9.39 31.34 -23.44
C TYR C 184 10.02 32.62 -23.97
N SER C 185 10.35 33.52 -23.02
CA SER C 185 11.00 34.79 -23.28
C SER C 185 11.95 35.11 -22.12
N LEU C 186 13.23 35.29 -22.44
CA LEU C 186 14.28 35.63 -21.48
C LEU C 186 15.00 36.91 -21.91
N SER C 187 15.84 37.42 -21.01
CA SER C 187 16.65 38.61 -21.23
C SER C 187 18.10 38.26 -20.86
N SER C 188 19.06 38.83 -21.60
CA SER C 188 20.50 38.65 -21.35
C SER C 188 21.13 40.00 -21.58
N VAL C 189 21.83 40.51 -20.56
CA VAL C 189 22.40 41.85 -20.64
C VAL C 189 23.82 41.93 -20.03
N VAL C 190 24.58 42.97 -20.43
CA VAL C 190 25.93 43.26 -19.95
C VAL C 190 26.13 44.80 -19.81
N THR C 191 26.63 45.22 -18.63
CA THR C 191 26.91 46.62 -18.29
C THR C 191 28.23 47.06 -18.92
N VAL C 192 28.19 48.12 -19.72
CA VAL C 192 29.35 48.68 -20.41
C VAL C 192 29.45 50.21 -20.21
N PRO C 193 30.66 50.81 -20.18
CA PRO C 193 30.75 52.28 -20.01
C PRO C 193 30.12 53.05 -21.17
N SER C 194 29.48 54.20 -20.86
CA SER C 194 28.82 55.07 -21.85
C SER C 194 29.79 55.63 -22.90
N SER C 195 31.10 55.68 -22.55
CA SER C 195 32.18 56.14 -23.42
C SER C 195 32.49 55.11 -24.52
N SER C 196 32.43 53.81 -24.18
CA SER C 196 32.72 52.70 -25.10
C SER C 196 31.60 52.38 -26.10
N LEU C 197 30.43 53.05 -25.99
CA LEU C 197 29.28 52.84 -26.88
C LEU C 197 29.61 53.32 -28.30
N GLY C 198 30.12 52.40 -29.11
CA GLY C 198 30.53 52.66 -30.48
C GLY C 198 31.89 52.07 -30.83
N THR C 199 32.89 52.27 -29.94
CA THR C 199 34.26 51.79 -30.11
C THR C 199 34.40 50.27 -30.07
N GLN C 200 33.53 49.58 -29.30
CA GLN C 200 33.56 48.12 -29.14
C GLN C 200 32.27 47.47 -29.65
N THR C 201 32.40 46.28 -30.29
CA THR C 201 31.27 45.52 -30.84
C THR C 201 30.76 44.47 -29.86
N TYR C 202 29.42 44.34 -29.75
CA TYR C 202 28.73 43.40 -28.85
C TYR C 202 27.68 42.56 -29.59
N ILE C 203 27.90 41.23 -29.69
CA ILE C 203 27.03 40.26 -30.37
C ILE C 203 26.74 39.04 -29.46
N CYS C 204 25.44 38.75 -29.20
CA CYS C 204 25.01 37.62 -28.37
C CYS C 204 24.80 36.34 -29.19
N ASN C 205 25.39 35.23 -28.72
CA ASN C 205 25.30 33.94 -29.40
C ASN C 205 24.26 33.03 -28.72
N VAL C 206 23.03 33.03 -29.29
CA VAL C 206 21.88 32.25 -28.83
C VAL C 206 22.02 30.81 -29.36
N ASN C 207 21.87 29.80 -28.46
CA ASN C 207 22.06 28.39 -28.82
C ASN C 207 20.87 27.48 -28.48
N HIS C 208 19.75 27.61 -29.23
CA HIS C 208 18.57 26.75 -29.02
C HIS C 208 18.82 25.39 -29.67
N LYS C 209 19.28 24.42 -28.85
CA LYS C 209 19.62 23.06 -29.25
C LYS C 209 18.44 22.24 -29.84
N PRO C 210 17.16 22.32 -29.35
CA PRO C 210 16.09 21.50 -29.96
C PRO C 210 15.80 21.81 -31.43
N SER C 211 15.66 23.09 -31.79
CA SER C 211 15.39 23.52 -33.18
C SER C 211 16.66 23.57 -34.05
N ASN C 212 17.84 23.46 -33.39
CA ASN C 212 19.18 23.51 -34.00
C ASN C 212 19.39 24.84 -34.72
N THR C 213 19.17 25.96 -33.99
CA THR C 213 19.28 27.33 -34.51
C THR C 213 20.27 28.18 -33.72
N LYS C 214 21.14 28.93 -34.42
CA LYS C 214 22.12 29.85 -33.84
C LYS C 214 21.93 31.25 -34.43
N VAL C 215 21.15 32.09 -33.74
CA VAL C 215 20.84 33.46 -34.18
C VAL C 215 21.75 34.47 -33.44
N ASP C 216 22.66 35.10 -34.19
CA ASP C 216 23.62 36.06 -33.67
C ASP C 216 23.24 37.47 -34.14
N LYS C 217 23.03 38.40 -33.18
CA LYS C 217 22.63 39.78 -33.44
C LYS C 217 23.48 40.82 -32.72
N LYS C 218 23.90 41.87 -33.45
CA LYS C 218 24.70 42.97 -32.93
C LYS C 218 23.78 44.02 -32.30
N VAL C 219 24.30 44.84 -31.36
CA VAL C 219 23.54 45.89 -30.69
C VAL C 219 24.20 47.28 -30.94
N GLU C 220 23.54 48.12 -31.77
CA GLU C 220 24.01 49.46 -32.13
C GLU C 220 22.94 50.52 -31.75
N PRO C 221 23.34 51.74 -31.29
CA PRO C 221 22.33 52.74 -30.90
C PRO C 221 21.52 53.34 -32.05
N LYS C 222 20.41 54.03 -31.70
CA LYS C 222 19.44 54.67 -32.60
C LYS C 222 19.44 56.22 -32.48
N SER C 223 18.39 56.90 -33.00
CA SER C 223 18.21 58.35 -32.94
C SER C 223 17.05 58.73 -32.00
N CYS C 224 15.86 58.11 -32.18
CA CYS C 224 14.66 58.33 -31.37
C CYS C 224 13.74 57.09 -31.32
N ILE D 2 -4.81 20.65 3.79
CA ILE D 2 -3.67 20.45 4.67
C ILE D 2 -2.70 21.63 4.47
N GLN D 3 -2.65 22.57 5.43
CA GLN D 3 -1.75 23.69 5.26
C GLN D 3 -0.61 23.76 6.30
N MET D 4 0.63 23.65 5.82
CA MET D 4 1.86 23.69 6.61
C MET D 4 2.63 25.00 6.28
N THR D 5 2.76 25.93 7.24
CA THR D 5 3.36 27.24 6.98
C THR D 5 4.76 27.47 7.56
N GLN D 6 5.67 27.92 6.69
CA GLN D 6 7.04 28.27 7.08
C GLN D 6 7.17 29.77 7.27
N SER D 7 7.92 30.17 8.30
CA SER D 7 8.19 31.57 8.57
C SER D 7 9.69 31.73 8.88
N PRO D 8 10.40 32.62 8.17
CA PRO D 8 9.94 33.52 7.10
C PRO D 8 10.01 32.86 5.72
N SER D 9 9.51 33.53 4.67
CA SER D 9 9.64 32.93 3.35
C SER D 9 11.07 33.13 2.81
N SER D 10 11.80 34.11 3.38
CA SER D 10 13.20 34.42 3.08
C SER D 10 13.83 35.20 4.21
N LEU D 11 14.99 34.73 4.67
CA LEU D 11 15.76 35.38 5.73
C LEU D 11 17.17 35.57 5.25
N SER D 12 17.71 36.77 5.46
CA SER D 12 19.06 37.09 5.05
C SER D 12 19.95 37.29 6.24
N ALA D 13 21.09 36.63 6.24
CA ALA D 13 22.06 36.67 7.33
C ALA D 13 23.48 36.39 6.80
N SER D 14 24.52 36.59 7.66
CA SER D 14 25.92 36.34 7.28
C SER D 14 26.54 35.16 8.02
N VAL D 15 27.66 34.62 7.49
CA VAL D 15 28.37 33.47 8.05
C VAL D 15 28.65 33.66 9.54
N GLY D 16 28.27 32.66 10.34
CA GLY D 16 28.45 32.66 11.79
C GLY D 16 27.19 32.96 12.60
N ASP D 17 26.18 33.60 11.97
CA ASP D 17 24.92 33.97 12.63
C ASP D 17 24.09 32.76 13.01
N ARG D 18 23.29 32.87 14.09
CA ARG D 18 22.38 31.80 14.49
C ARG D 18 21.09 32.02 13.72
N VAL D 19 20.82 31.15 12.76
CA VAL D 19 19.65 31.23 11.92
C VAL D 19 18.55 30.34 12.49
N THR D 20 17.31 30.83 12.43
CA THR D 20 16.12 30.13 12.92
C THR D 20 14.96 30.16 11.89
N ILE D 21 14.26 29.03 11.72
CA ILE D 21 13.13 28.93 10.79
C ILE D 21 11.94 28.31 11.51
N THR D 22 10.84 29.05 11.57
CA THR D 22 9.60 28.65 12.22
C THR D 22 8.78 27.66 11.35
N CYS D 23 8.03 26.75 12.00
CA CYS D 23 7.14 25.87 11.26
C CYS D 23 5.85 25.50 11.99
N ARG D 24 4.70 25.80 11.34
CA ARG D 24 3.38 25.50 11.87
C ARG D 24 2.73 24.43 11.04
N ALA D 25 2.45 23.30 11.72
CA ALA D 25 1.81 22.11 11.19
C ALA D 25 0.30 22.37 11.12
N SER D 26 -0.40 21.61 10.27
CA SER D 26 -1.85 21.79 10.13
C SER D 26 -2.67 21.36 11.37
N GLN D 27 -2.04 20.60 12.31
CA GLN D 27 -2.66 20.10 13.55
C GLN D 27 -1.61 19.51 14.48
N ASP D 28 -1.98 19.01 15.70
CA ASP D 28 -1.00 18.35 16.60
C ASP D 28 -0.49 17.15 15.84
N VAL D 29 0.78 17.24 15.45
CA VAL D 29 1.48 16.27 14.62
C VAL D 29 2.58 15.58 15.41
N SER D 30 2.53 15.70 16.75
CA SER D 30 3.52 15.16 17.70
C SER D 30 4.92 15.73 17.35
N THR D 31 5.86 14.84 17.01
CA THR D 31 7.24 15.18 16.60
C THR D 31 7.39 14.73 15.13
N ALA D 32 6.25 14.46 14.42
CA ALA D 32 6.22 13.99 13.04
C ALA D 32 6.65 15.05 12.00
N VAL D 33 7.79 15.69 12.29
CA VAL D 33 8.37 16.74 11.46
C VAL D 33 9.80 16.38 11.00
N ALA D 34 10.20 16.99 9.85
CA ALA D 34 11.48 16.84 9.18
C ALA D 34 11.89 18.13 8.47
N TRP D 35 13.22 18.28 8.27
CA TRP D 35 13.82 19.41 7.59
C TRP D 35 14.71 18.93 6.48
N TYR D 36 14.53 19.54 5.30
CA TYR D 36 15.27 19.25 4.06
C TYR D 36 15.94 20.49 3.48
N GLN D 37 17.10 20.33 2.84
CA GLN D 37 17.84 21.42 2.23
C GLN D 37 18.09 21.14 0.77
N GLN D 38 17.58 22.03 -0.07
CA GLN D 38 17.70 21.92 -1.51
C GLN D 38 18.50 23.09 -2.07
N LYS D 39 19.52 22.79 -2.85
CA LYS D 39 20.30 23.87 -3.45
C LYS D 39 19.81 24.04 -4.87
N PRO D 40 19.78 25.28 -5.42
CA PRO D 40 19.26 25.46 -6.79
C PRO D 40 19.87 24.52 -7.82
N GLY D 41 18.97 23.76 -8.45
CA GLY D 41 19.30 22.78 -9.48
C GLY D 41 19.62 21.40 -8.92
N LYS D 42 19.57 21.25 -7.60
CA LYS D 42 19.88 19.98 -6.97
C LYS D 42 18.64 19.36 -6.31
N ALA D 43 18.72 18.05 -6.02
CA ALA D 43 17.67 17.29 -5.36
C ALA D 43 17.72 17.63 -3.88
N PRO D 44 16.58 17.67 -3.15
CA PRO D 44 16.64 17.99 -1.71
C PRO D 44 17.42 16.97 -0.84
N LYS D 45 18.03 17.48 0.22
CA LYS D 45 18.87 16.70 1.13
C LYS D 45 18.27 16.70 2.55
N LEU D 46 18.11 15.52 3.15
CA LEU D 46 17.59 15.41 4.52
C LEU D 46 18.61 15.94 5.55
N LEU D 47 18.11 16.68 6.54
CA LEU D 47 18.89 17.26 7.63
C LEU D 47 18.42 16.70 9.00
N ILE D 48 17.17 17.02 9.38
CA ILE D 48 16.55 16.59 10.63
C ILE D 48 15.31 15.78 10.34
N TYR D 49 15.02 14.83 11.21
CA TYR D 49 13.82 14.01 11.18
C TYR D 49 13.33 13.83 12.61
N SER D 50 12.12 13.27 12.77
CA SER D 50 11.46 13.05 14.05
C SER D 50 11.60 14.26 15.00
N ALA D 51 11.58 15.47 14.36
CA ALA D 51 11.66 16.84 14.90
C ALA D 51 13.03 17.23 15.51
N SER D 52 13.77 16.30 16.13
CA SER D 52 15.03 16.63 16.79
C SER D 52 16.21 15.73 16.43
N PHE D 53 15.95 14.68 15.65
CA PHE D 53 16.95 13.70 15.27
C PHE D 53 17.81 14.18 14.11
N LEU D 54 19.13 14.30 14.34
CA LEU D 54 20.09 14.77 13.34
C LEU D 54 20.55 13.59 12.47
N TYR D 55 20.13 13.59 11.19
CA TYR D 55 20.49 12.54 10.23
C TYR D 55 22.02 12.46 10.04
N SER D 56 22.54 11.22 9.83
CA SER D 56 23.97 10.94 9.65
C SER D 56 24.70 11.91 8.71
N GLY D 57 25.84 12.43 9.18
CA GLY D 57 26.70 13.31 8.41
C GLY D 57 26.27 14.74 8.28
N VAL D 58 25.06 15.07 8.78
CA VAL D 58 24.54 16.44 8.72
C VAL D 58 25.24 17.23 9.85
N PRO D 59 26.00 18.29 9.51
CA PRO D 59 26.76 19.02 10.55
C PRO D 59 25.99 19.38 11.81
N SER D 60 26.68 19.25 12.96
CA SER D 60 26.19 19.49 14.32
C SER D 60 25.65 20.89 14.54
N ARG D 61 25.91 21.81 13.59
CA ARG D 61 25.40 23.17 13.53
C ARG D 61 23.88 23.11 13.63
N PHE D 62 23.30 22.15 12.88
CA PHE D 62 21.87 21.87 12.72
C PHE D 62 21.18 21.27 13.97
N SER D 63 20.16 22.01 14.42
CA SER D 63 19.30 21.74 15.57
C SER D 63 17.83 21.69 15.13
N GLY D 64 17.03 20.90 15.84
CA GLY D 64 15.60 20.76 15.59
C GLY D 64 14.80 20.76 16.88
N SER D 65 13.83 21.68 16.99
CA SER D 65 12.96 21.86 18.16
C SER D 65 11.55 21.70 17.68
N GLY D 66 10.66 21.17 18.52
CA GLY D 66 9.27 20.97 18.11
C GLY D 66 8.28 20.38 19.09
N SER D 67 7.30 21.21 19.49
CA SER D 67 6.21 20.87 20.41
C SER D 67 5.26 19.82 19.79
N GLY D 68 4.15 20.29 19.21
CA GLY D 68 3.13 19.50 18.57
C GLY D 68 2.58 20.17 17.33
N THR D 69 2.49 21.52 17.35
CA THR D 69 2.03 22.36 16.20
C THR D 69 3.13 23.26 15.70
N ASP D 70 3.87 23.89 16.63
CA ASP D 70 4.95 24.83 16.35
C ASP D 70 6.32 24.14 16.51
N PHE D 71 7.18 24.24 15.46
CA PHE D 71 8.50 23.61 15.31
C PHE D 71 9.54 24.65 14.85
N THR D 72 10.88 24.39 15.03
CA THR D 72 11.96 25.34 14.67
C THR D 72 13.33 24.77 14.31
N LEU D 73 13.76 24.99 13.06
CA LEU D 73 15.10 24.61 12.59
C LEU D 73 16.06 25.72 13.02
N THR D 74 17.20 25.34 13.63
CA THR D 74 18.22 26.27 14.13
C THR D 74 19.58 25.94 13.57
N ILE D 75 20.07 26.81 12.69
CA ILE D 75 21.39 26.69 12.06
C ILE D 75 22.38 27.54 12.84
N SER D 76 22.92 26.96 13.92
CA SER D 76 23.92 27.59 14.78
C SER D 76 25.21 27.76 13.96
N SER D 77 25.86 28.95 14.03
CA SER D 77 27.09 29.28 13.31
C SER D 77 27.03 28.94 11.83
N LEU D 78 26.15 29.68 11.10
CA LEU D 78 25.88 29.63 9.65
C LEU D 78 27.16 29.56 8.80
N GLN D 79 27.07 28.91 7.65
CA GLN D 79 28.22 28.69 6.79
C GLN D 79 27.95 29.03 5.33
N PRO D 80 28.99 29.25 4.48
CA PRO D 80 28.72 29.55 3.05
C PRO D 80 27.95 28.46 2.28
N GLU D 81 28.22 27.18 2.58
CA GLU D 81 27.52 26.07 1.96
C GLU D 81 26.10 25.91 2.55
N ASP D 82 25.82 26.61 3.68
CA ASP D 82 24.51 26.61 4.32
C ASP D 82 23.54 27.53 3.62
N PHE D 83 24.04 28.40 2.74
CA PHE D 83 23.19 29.32 2.01
C PHE D 83 22.42 28.54 0.98
N ALA D 84 21.17 28.19 1.33
CA ALA D 84 20.26 27.38 0.52
C ALA D 84 18.78 27.56 0.89
N THR D 85 17.88 26.81 0.21
CA THR D 85 16.44 26.78 0.42
C THR D 85 16.05 25.57 1.28
N TYR D 86 15.34 25.85 2.38
CA TYR D 86 14.97 24.90 3.42
C TYR D 86 13.50 24.57 3.49
N TYR D 87 13.18 23.27 3.45
CA TYR D 87 11.82 22.77 3.49
C TYR D 87 11.45 22.08 4.80
N CYS D 88 10.24 22.34 5.21
CA CYS D 88 9.64 21.76 6.38
C CYS D 88 8.85 20.58 5.87
N GLN D 89 8.66 19.52 6.69
CA GLN D 89 7.89 18.37 6.23
C GLN D 89 6.98 17.85 7.32
N GLN D 90 5.70 17.64 6.98
CA GLN D 90 4.71 17.09 7.90
C GLN D 90 4.62 15.60 7.63
N ALA D 91 5.48 14.81 8.28
CA ALA D 91 5.53 13.36 8.10
C ALA D 91 4.49 12.59 8.97
N TYR D 92 3.32 13.23 9.22
CA TYR D 92 2.20 12.68 9.99
C TYR D 92 1.34 11.71 9.12
N PRO D 93 0.83 10.57 9.68
CA PRO D 93 0.01 9.64 8.84
C PRO D 93 -1.13 10.32 8.12
N ALA D 94 -1.41 9.86 6.88
CA ALA D 94 -2.43 10.38 5.98
C ALA D 94 -2.12 11.81 5.52
N LEU D 95 -2.16 12.78 6.45
CA LEU D 95 -1.88 14.17 6.10
C LEU D 95 -0.39 14.45 6.04
N HIS D 96 0.15 14.33 4.82
CA HIS D 96 1.53 14.64 4.55
C HIS D 96 1.59 15.88 3.69
N THR D 97 2.42 16.86 4.07
CA THR D 97 2.67 18.08 3.30
C THR D 97 4.11 18.53 3.48
N PHE D 98 4.44 19.62 2.79
CA PHE D 98 5.69 20.32 2.90
C PHE D 98 5.33 21.76 3.18
N GLY D 99 6.30 22.51 3.70
CA GLY D 99 6.15 23.93 3.90
C GLY D 99 6.40 24.62 2.57
N GLN D 100 6.21 25.94 2.54
CA GLN D 100 6.41 26.77 1.35
C GLN D 100 7.90 26.87 0.94
N GLY D 101 8.80 26.66 1.90
CA GLY D 101 10.25 26.76 1.72
C GLY D 101 10.79 28.08 2.22
N THR D 102 12.00 28.08 2.79
CA THR D 102 12.66 29.29 3.30
C THR D 102 14.00 29.45 2.57
N LYS D 103 14.23 30.63 1.97
CA LYS D 103 15.49 30.86 1.28
C LYS D 103 16.45 31.54 2.25
N VAL D 104 17.54 30.83 2.63
CA VAL D 104 18.55 31.40 3.51
C VAL D 104 19.49 32.18 2.63
N GLU D 105 19.31 33.48 2.69
CA GLU D 105 19.95 34.51 1.90
C GLU D 105 21.16 35.14 2.60
N ILE D 106 22.10 35.63 1.80
CA ILE D 106 23.31 36.29 2.25
C ILE D 106 23.03 37.80 2.37
N LYS D 107 23.30 38.40 3.55
CA LYS D 107 23.09 39.84 3.69
C LYS D 107 24.36 40.51 3.20
N ARG D 108 24.23 41.61 2.40
CA ARG D 108 25.39 42.28 1.80
C ARG D 108 25.59 43.71 2.31
N THR D 109 25.35 44.76 1.49
CA THR D 109 25.63 46.15 1.84
C THR D 109 24.45 47.11 1.70
N VAL D 110 23.38 46.69 0.99
CA VAL D 110 22.17 47.47 0.69
C VAL D 110 22.55 48.53 -0.34
N ALA D 111 22.52 48.14 -1.62
CA ALA D 111 22.88 49.03 -2.73
C ALA D 111 21.71 49.26 -3.69
N ALA D 112 21.65 50.48 -4.26
CA ALA D 112 20.61 50.91 -5.20
C ALA D 112 20.78 50.30 -6.60
N PRO D 113 19.67 50.04 -7.33
CA PRO D 113 19.81 49.47 -8.69
C PRO D 113 20.21 50.53 -9.73
N SER D 114 20.47 50.05 -10.96
CA SER D 114 20.81 50.86 -12.13
C SER D 114 19.72 50.54 -13.18
N VAL D 115 18.70 51.41 -13.28
CA VAL D 115 17.54 51.22 -14.17
C VAL D 115 17.86 51.62 -15.62
N PHE D 116 17.51 50.74 -16.60
CA PHE D 116 17.71 50.92 -18.03
C PHE D 116 16.45 50.59 -18.85
N ILE D 117 15.79 51.62 -19.43
CA ILE D 117 14.60 51.44 -20.28
C ILE D 117 15.02 51.24 -21.75
N PHE D 118 14.46 50.20 -22.41
CA PHE D 118 14.76 49.86 -23.81
C PHE D 118 13.49 49.72 -24.67
N PRO D 119 13.29 50.62 -25.67
CA PRO D 119 12.10 50.51 -26.54
C PRO D 119 12.16 49.32 -27.51
N PRO D 120 10.99 48.84 -28.04
CA PRO D 120 11.02 47.70 -28.97
C PRO D 120 11.68 48.00 -30.32
N SER D 121 12.48 47.03 -30.82
CA SER D 121 13.20 47.14 -32.08
C SER D 121 12.28 47.19 -33.30
N ASP D 122 12.81 47.63 -34.45
CA ASP D 122 12.08 47.75 -35.70
C ASP D 122 11.64 46.39 -36.26
N GLU D 123 12.57 45.40 -36.31
CA GLU D 123 12.32 44.04 -36.78
C GLU D 123 11.23 43.29 -35.99
N GLN D 124 11.03 43.69 -34.72
CA GLN D 124 10.03 43.14 -33.80
C GLN D 124 8.69 43.84 -34.00
N LEU D 125 8.70 45.19 -34.09
CA LEU D 125 7.50 46.02 -34.29
C LEU D 125 6.90 45.81 -35.68
N LYS D 126 7.73 45.33 -36.65
CA LYS D 126 7.32 45.00 -38.01
C LYS D 126 6.42 43.76 -38.03
N SER D 127 6.68 42.79 -37.12
CA SER D 127 5.88 41.56 -37.00
C SER D 127 4.57 41.76 -36.20
N GLY D 128 4.34 43.01 -35.77
CA GLY D 128 3.15 43.44 -35.04
C GLY D 128 3.16 43.16 -33.55
N THR D 129 4.36 43.05 -32.94
CA THR D 129 4.52 42.78 -31.51
C THR D 129 5.46 43.79 -30.85
N ALA D 130 5.09 44.29 -29.66
CA ALA D 130 5.86 45.25 -28.88
C ALA D 130 6.28 44.69 -27.52
N SER D 131 7.55 44.93 -27.11
CA SER D 131 8.10 44.48 -25.82
C SER D 131 8.92 45.59 -25.14
N VAL D 132 8.28 46.24 -24.15
CA VAL D 132 8.87 47.33 -23.39
C VAL D 132 9.73 46.77 -22.24
N VAL D 133 11.06 46.88 -22.38
CA VAL D 133 12.07 46.37 -21.44
C VAL D 133 12.46 47.44 -20.42
N CYS D 134 12.44 47.08 -19.12
CA CYS D 134 12.84 47.95 -18.02
C CYS D 134 13.80 47.19 -17.10
N LEU D 135 15.10 47.39 -17.32
CA LEU D 135 16.16 46.75 -16.54
C LEU D 135 16.33 47.35 -15.15
N LEU D 136 17.10 46.63 -14.32
CA LEU D 136 17.51 46.95 -12.96
C LEU D 136 18.79 46.16 -12.76
N ASN D 137 19.92 46.83 -12.48
CA ASN D 137 21.18 46.10 -12.34
C ASN D 137 21.80 46.23 -10.95
N ASN D 138 22.11 45.06 -10.36
CA ASN D 138 22.77 44.82 -9.07
C ASN D 138 22.18 45.66 -7.91
N PHE D 139 21.30 45.03 -7.11
CA PHE D 139 20.64 45.68 -5.98
C PHE D 139 20.34 44.75 -4.82
N TYR D 140 20.20 45.35 -3.63
CA TYR D 140 19.88 44.66 -2.41
C TYR D 140 18.97 45.54 -1.55
N PRO D 141 17.84 45.03 -1.02
CA PRO D 141 17.32 43.65 -1.09
C PRO D 141 16.78 43.24 -2.45
N ARG D 142 16.38 41.95 -2.59
CA ARG D 142 15.76 41.37 -3.79
C ARG D 142 14.40 42.05 -4.02
N GLU D 143 13.87 42.68 -2.95
CA GLU D 143 12.59 43.39 -2.88
C GLU D 143 12.64 44.71 -3.64
N ALA D 144 11.77 44.83 -4.65
CA ALA D 144 11.61 46.01 -5.50
C ALA D 144 10.26 45.95 -6.22
N LYS D 145 9.56 47.10 -6.28
CA LYS D 145 8.24 47.23 -6.93
C LYS D 145 8.35 48.10 -8.18
N VAL D 146 8.08 47.50 -9.36
CA VAL D 146 8.18 48.14 -10.67
C VAL D 146 6.79 48.39 -11.29
N GLN D 147 6.47 49.68 -11.55
CA GLN D 147 5.21 50.13 -12.17
C GLN D 147 5.43 50.60 -13.60
N TRP D 148 4.40 50.44 -14.45
CA TRP D 148 4.43 50.85 -15.85
C TRP D 148 3.41 51.98 -16.07
N LYS D 149 3.90 53.24 -16.11
CA LYS D 149 3.06 54.42 -16.29
C LYS D 149 3.00 54.90 -17.74
N VAL D 150 1.81 54.84 -18.35
CA VAL D 150 1.58 55.28 -19.71
C VAL D 150 0.70 56.52 -19.61
N ASP D 151 1.33 57.72 -19.69
CA ASP D 151 0.72 59.05 -19.53
C ASP D 151 0.10 59.18 -18.12
N ASN D 152 0.87 58.73 -17.10
CA ASN D 152 0.52 58.70 -15.67
C ASN D 152 -0.72 57.83 -15.40
N ALA D 153 -0.64 56.53 -15.78
CA ALA D 153 -1.70 55.53 -15.60
C ALA D 153 -1.13 54.11 -15.44
N LEU D 154 -1.58 53.39 -14.40
CA LEU D 154 -1.15 52.02 -14.06
C LEU D 154 -1.57 50.98 -15.10
N GLN D 155 -0.78 49.89 -15.23
CA GLN D 155 -1.02 48.78 -16.16
C GLN D 155 -1.24 47.46 -15.45
N SER D 156 -2.33 46.74 -15.82
CA SER D 156 -2.72 45.46 -15.21
C SER D 156 -2.83 44.30 -16.21
N GLY D 157 -2.18 43.18 -15.86
CA GLY D 157 -2.17 41.94 -16.62
C GLY D 157 -1.51 41.99 -17.98
N ASN D 158 -0.39 42.74 -18.11
CA ASN D 158 0.34 42.89 -19.36
C ASN D 158 1.89 42.89 -19.21
N SER D 159 2.41 42.85 -17.96
CA SER D 159 3.84 42.84 -17.68
C SER D 159 4.29 41.59 -16.90
N GLN D 160 5.38 40.94 -17.35
CA GLN D 160 5.98 39.74 -16.76
C GLN D 160 7.42 40.05 -16.32
N GLU D 161 7.79 39.71 -15.07
CA GLU D 161 9.12 39.95 -14.51
C GLU D 161 9.99 38.67 -14.47
N SER D 162 11.33 38.83 -14.32
CA SER D 162 12.32 37.74 -14.24
C SER D 162 13.53 38.20 -13.43
N VAL D 163 13.82 37.51 -12.31
CA VAL D 163 14.92 37.85 -11.39
C VAL D 163 16.10 36.87 -11.52
N THR D 164 17.33 37.40 -11.56
CA THR D 164 18.53 36.56 -11.64
C THR D 164 18.80 35.96 -10.27
N GLU D 165 19.35 34.74 -10.25
CA GLU D 165 19.65 34.06 -9.00
C GLU D 165 20.95 34.62 -8.42
N GLN D 166 20.85 35.23 -7.20
CA GLN D 166 21.87 35.88 -6.34
C GLN D 166 23.32 35.67 -6.80
N ASP D 167 23.99 36.77 -7.17
CA ASP D 167 25.36 36.73 -7.67
C ASP D 167 26.39 36.15 -6.68
N SER D 168 27.41 35.49 -7.23
CA SER D 168 28.52 34.87 -6.50
C SER D 168 29.61 35.90 -6.26
N LYS D 169 29.87 36.75 -7.27
CA LYS D 169 30.87 37.81 -7.26
C LYS D 169 30.46 38.95 -6.31
N ASP D 170 29.75 39.98 -6.84
CA ASP D 170 29.30 41.16 -6.11
C ASP D 170 28.18 40.87 -5.14
N SER D 171 27.54 39.68 -5.32
CA SER D 171 26.40 39.18 -4.56
C SER D 171 25.29 40.24 -4.55
N THR D 172 24.59 40.40 -5.70
CA THR D 172 23.47 41.34 -5.89
C THR D 172 22.51 40.82 -6.95
N TYR D 173 21.28 41.37 -6.94
CA TYR D 173 20.17 40.97 -7.83
C TYR D 173 19.96 41.92 -9.03
N SER D 174 19.25 41.43 -10.05
CA SER D 174 18.88 42.16 -11.27
C SER D 174 17.46 41.75 -11.70
N LEU D 175 16.74 42.64 -12.40
CA LEU D 175 15.34 42.39 -12.79
C LEU D 175 15.05 42.81 -14.24
N SER D 176 14.25 41.99 -14.97
CA SER D 176 13.89 42.25 -16.37
C SER D 176 12.37 42.11 -16.66
N SER D 177 11.63 43.21 -16.38
CA SER D 177 10.17 43.35 -16.57
C SER D 177 9.81 43.64 -18.05
N THR D 178 9.00 42.74 -18.68
CA THR D 178 8.59 42.83 -20.08
C THR D 178 7.06 43.06 -20.23
N LEU D 179 6.68 44.31 -20.56
CA LEU D 179 5.31 44.75 -20.81
C LEU D 179 5.04 44.48 -22.30
N THR D 180 4.19 43.47 -22.60
CA THR D 180 3.90 43.09 -23.99
C THR D 180 2.46 43.44 -24.38
N LEU D 181 2.29 44.05 -25.57
CA LEU D 181 1.02 44.49 -26.16
C LEU D 181 1.09 44.60 -27.70
N SER D 182 -0.09 44.65 -28.36
CA SER D 182 -0.24 44.75 -29.82
C SER D 182 0.25 46.09 -30.36
N LYS D 183 0.62 46.14 -31.66
CA LYS D 183 1.10 47.34 -32.36
C LYS D 183 -0.01 48.39 -32.51
N ALA D 184 -1.29 47.95 -32.52
CA ALA D 184 -2.47 48.80 -32.63
C ALA D 184 -2.68 49.64 -31.36
N ASP D 185 -2.47 49.03 -30.17
CA ASP D 185 -2.59 49.69 -28.85
C ASP D 185 -1.33 50.51 -28.53
N TYR D 186 -0.23 50.27 -29.27
CA TYR D 186 1.05 50.95 -29.13
C TYR D 186 1.06 52.30 -29.86
N GLU D 187 0.41 52.37 -31.05
CA GLU D 187 0.34 53.57 -31.88
C GLU D 187 -0.77 54.56 -31.45
N LYS D 188 -0.94 54.76 -30.13
CA LYS D 188 -1.93 55.68 -29.56
C LYS D 188 -1.46 56.30 -28.22
N HIS D 189 -0.14 56.21 -27.92
CA HIS D 189 0.46 56.74 -26.69
C HIS D 189 1.87 57.35 -26.91
N LYS D 190 2.24 58.34 -26.07
CA LYS D 190 3.53 59.05 -26.16
C LYS D 190 4.57 58.62 -25.11
N VAL D 191 4.23 58.75 -23.80
CA VAL D 191 5.11 58.44 -22.65
C VAL D 191 4.91 56.99 -22.15
N TYR D 192 6.02 56.23 -22.05
CA TYR D 192 6.03 54.86 -21.54
C TYR D 192 6.98 54.76 -20.33
N ALA D 193 6.65 55.54 -19.28
CA ALA D 193 7.41 55.63 -18.03
C ALA D 193 7.47 54.30 -17.26
N CYS D 194 8.54 54.13 -16.46
CA CYS D 194 8.79 52.95 -15.66
C CYS D 194 9.20 53.35 -14.24
N GLU D 195 8.18 53.59 -13.39
CA GLU D 195 8.37 54.01 -12.00
C GLU D 195 8.90 52.86 -11.12
N VAL D 196 10.21 52.88 -10.84
CA VAL D 196 10.92 51.87 -10.04
C VAL D 196 11.08 52.33 -8.58
N THR D 197 10.55 51.55 -7.63
CA THR D 197 10.61 51.84 -6.18
C THR D 197 11.47 50.79 -5.46
N HIS D 198 12.47 51.26 -4.71
CA HIS D 198 13.42 50.45 -3.95
C HIS D 198 13.66 51.12 -2.58
N GLN D 199 14.16 50.35 -1.58
CA GLN D 199 14.44 50.89 -0.25
C GLN D 199 15.59 51.89 -0.28
N GLY D 200 16.61 51.60 -1.09
CA GLY D 200 17.79 52.46 -1.25
C GLY D 200 17.60 53.57 -2.27
N LEU D 201 16.39 54.14 -2.31
CA LEU D 201 15.98 55.21 -3.20
C LEU D 201 15.26 56.30 -2.41
N SER D 202 15.76 57.55 -2.49
CA SER D 202 15.18 58.71 -1.80
C SER D 202 13.83 59.08 -2.42
N SER D 203 13.80 59.18 -3.75
CA SER D 203 12.61 59.48 -4.54
C SER D 203 12.43 58.36 -5.58
N PRO D 204 11.21 57.81 -5.79
CA PRO D 204 11.06 56.71 -6.77
C PRO D 204 11.45 57.11 -8.19
N VAL D 205 12.69 56.74 -8.58
CA VAL D 205 13.31 57.03 -9.88
C VAL D 205 12.49 56.42 -11.02
N THR D 206 12.16 57.26 -12.03
CA THR D 206 11.35 56.88 -13.19
C THR D 206 12.18 57.01 -14.48
N LYS D 207 12.10 56.00 -15.38
CA LYS D 207 12.80 55.97 -16.66
C LYS D 207 11.80 56.03 -17.80
N SER D 208 11.86 57.12 -18.61
CA SER D 208 10.93 57.38 -19.71
C SER D 208 11.57 57.63 -21.07
N PHE D 209 10.81 57.31 -22.13
CA PHE D 209 11.15 57.49 -23.54
C PHE D 209 9.88 57.86 -24.33
N ASN D 210 10.03 58.18 -25.63
CA ASN D 210 8.92 58.52 -26.52
C ASN D 210 8.96 57.73 -27.82
N ARG D 211 7.77 57.49 -28.41
CA ARG D 211 7.56 56.73 -29.66
C ARG D 211 8.31 57.27 -30.88
#